data_7Z1A
#
_entry.id   7Z1A
#
_cell.length_a   157.010
_cell.length_b   191.590
_cell.length_c   56.870
_cell.angle_alpha   90.00
_cell.angle_beta   90.00
_cell.angle_gamma   90.00
#
_symmetry.space_group_name_H-M   'P 21 21 2'
#
loop_
_entity.id
_entity.type
_entity.pdbx_description
1 polymer 'Spike protein S1'
2 polymer 'F2 Nanobody'
3 polymer 'H11 Nanobody'
4 non-polymer 2-acetamido-2-deoxy-beta-D-glucopyranose
5 water water
#
loop_
_entity_poly.entity_id
_entity_poly.type
_entity_poly.pdbx_seq_one_letter_code
_entity_poly.pdbx_strand_id
1 'polypeptide(L)'
;PNITNLCPFGEVFNATRFASVYAWNRKRISNCVADYSVLYNSASFSTFKCYGVSPTKLNDLCFTNVYADSFVIRGDEVRQ
IAPGQTGKIADYNYKLPDDFTGCVIAWNSNNLDSKVGGNYNYLYRLFRKSNLKPFERDISTEIYQAGSTPCNGVEGFNCY
FPLQSYGFQPTNGVGYQPYRVVVLSFELLHAPATVCGPKKSTNKHHHHHH
;
A,C
2 'polypeptide(L)'
;QVQLVESGGGLVQAGGSLRLACIASGRTFHSYVMAWFRQAPGKEREFVAAISWSSTPTYYGESVKGRFTISRDNAKNTVY
LQMNRLKPEDTAVYFCAADRGESYYYTRPTEYEFWGQGTQVTVSSHHHHHH
;
B,D
3 'polypeptide(L)'
;QVQLVESGGGLMQAGGSLRLSCAVSGRTFSTAAMGWFRQAPGKEREFVAAIRWSGGSAYYADSVKGRFTISRDKAKNTVY
LQMNSLKYEDTAVYYCAQTRVTRSLLSDYATWPYDYWGQGTQVTVSSKHHHHHH
;
F,E
#
loop_
_chem_comp.id
_chem_comp.type
_chem_comp.name
_chem_comp.formula
NAG D-saccharide, beta linking 2-acetamido-2-deoxy-beta-D-glucopyranose 'C8 H15 N O6'
#
# COMPACT_ATOMS: atom_id res chain seq x y z
N THR A 4 -45.88 -11.11 -2.17
CA THR A 4 -45.93 -11.01 -0.66
C THR A 4 -44.86 -11.93 -0.03
N ASN A 5 -44.51 -13.03 -0.70
CA ASN A 5 -43.47 -14.02 -0.28
C ASN A 5 -42.07 -13.44 -0.55
N LEU A 6 -41.20 -13.44 0.45
CA LEU A 6 -39.83 -12.84 0.36
C LEU A 6 -38.95 -13.75 -0.50
N CYS A 7 -37.95 -13.16 -1.14
CA CYS A 7 -36.97 -13.89 -1.98
C CYS A 7 -36.15 -14.72 -1.02
N PRO A 8 -35.81 -15.97 -1.37
CA PRO A 8 -35.09 -16.86 -0.47
C PRO A 8 -33.58 -16.58 -0.30
N PHE A 9 -33.22 -15.33 0.02
CA PHE A 9 -31.81 -14.90 0.28
C PHE A 9 -31.18 -15.78 1.36
N GLY A 10 -31.95 -16.14 2.39
CA GLY A 10 -31.52 -17.11 3.42
C GLY A 10 -30.96 -18.39 2.82
N GLU A 11 -31.64 -19.01 1.84
CA GLU A 11 -31.21 -20.30 1.22
C GLU A 11 -29.78 -20.16 0.72
N VAL A 12 -29.42 -18.98 0.21
CA VAL A 12 -28.12 -18.70 -0.45
C VAL A 12 -27.06 -18.41 0.60
N PHE A 13 -27.30 -17.38 1.42
CA PHE A 13 -26.37 -16.76 2.39
C PHE A 13 -26.11 -17.69 3.57
N ASN A 14 -27.16 -18.37 4.04
CA ASN A 14 -27.13 -19.22 5.26
C ASN A 14 -26.98 -20.70 4.89
N ALA A 15 -26.68 -21.00 3.62
CA ALA A 15 -26.48 -22.38 3.14
C ALA A 15 -25.42 -23.05 4.01
N THR A 16 -25.63 -24.28 4.41
CA THR A 16 -24.69 -24.96 5.31
C THR A 16 -23.40 -25.26 4.51
N ARG A 17 -23.51 -25.72 3.25
CA ARG A 17 -22.34 -25.94 2.34
C ARG A 17 -22.25 -24.86 1.26
N PHE A 18 -21.05 -24.48 0.85
CA PHE A 18 -20.78 -23.53 -0.27
C PHE A 18 -19.95 -24.23 -1.34
N ALA A 19 -20.00 -23.72 -2.57
CA ALA A 19 -19.30 -24.29 -3.73
C ALA A 19 -17.83 -23.83 -3.72
N SER A 20 -16.94 -24.64 -4.26
CA SER A 20 -15.61 -24.19 -4.70
C SER A 20 -15.82 -23.09 -5.75
N VAL A 21 -14.97 -22.08 -5.71
CA VAL A 21 -15.05 -20.96 -6.70
C VAL A 21 -14.97 -21.52 -8.12
N TYR A 22 -14.15 -22.51 -8.43
CA TYR A 22 -13.99 -22.98 -9.84
C TYR A 22 -15.32 -23.53 -10.39
N ALA A 23 -16.10 -24.14 -9.50
CA ALA A 23 -17.41 -24.79 -9.78
C ALA A 23 -18.50 -24.01 -9.05
N TRP A 24 -18.37 -22.68 -9.07
CA TRP A 24 -19.27 -21.73 -8.37
C TRP A 24 -20.73 -22.07 -8.64
N ASN A 25 -21.59 -21.68 -7.71
CA ASN A 25 -23.04 -21.99 -7.71
C ASN A 25 -23.89 -20.77 -8.14
N ARG A 26 -25.01 -21.00 -8.83
CA ARG A 26 -26.05 -20.00 -9.22
C ARG A 26 -27.41 -20.37 -8.65
N LYS A 27 -28.11 -19.40 -8.09
CA LYS A 27 -29.52 -19.57 -7.72
C LYS A 27 -30.25 -18.49 -8.48
N ARG A 28 -31.18 -18.89 -9.34
CA ARG A 28 -32.12 -17.94 -10.00
C ARG A 28 -33.13 -17.54 -8.92
N ILE A 29 -33.32 -16.25 -8.75
CA ILE A 29 -34.30 -15.65 -7.81
C ILE A 29 -35.27 -14.84 -8.67
N SER A 30 -36.55 -15.21 -8.70
CA SER A 30 -37.62 -14.48 -9.42
C SER A 30 -38.95 -14.63 -8.71
N ASN A 31 -39.91 -13.78 -9.10
CA ASN A 31 -41.31 -13.81 -8.65
C ASN A 31 -41.28 -13.76 -7.13
N CYS A 32 -40.78 -12.67 -6.58
CA CYS A 32 -40.73 -12.51 -5.13
C CYS A 32 -40.35 -11.08 -4.76
N VAL A 33 -40.70 -10.70 -3.54
CA VAL A 33 -40.30 -9.39 -2.94
C VAL A 33 -38.87 -9.56 -2.42
N ALA A 34 -37.97 -8.67 -2.82
CA ALA A 34 -36.58 -8.58 -2.32
C ALA A 34 -36.49 -7.58 -1.17
N ASP A 35 -36.60 -8.00 0.09
CA ASP A 35 -36.28 -7.11 1.23
C ASP A 35 -34.78 -7.22 1.54
N TYR A 36 -34.00 -6.21 1.14
CA TYR A 36 -32.52 -6.15 1.34
C TYR A 36 -32.20 -5.78 2.79
N SER A 37 -33.21 -5.49 3.61
CA SER A 37 -32.99 -5.16 5.04
C SER A 37 -32.40 -6.37 5.77
N VAL A 38 -32.57 -7.56 5.20
CA VAL A 38 -31.98 -8.81 5.77
C VAL A 38 -30.44 -8.69 5.67
N LEU A 39 -29.94 -8.09 4.60
CA LEU A 39 -28.51 -7.72 4.37
C LEU A 39 -28.15 -6.45 5.15
N TYR A 40 -28.90 -5.36 4.97
CA TYR A 40 -28.66 -4.07 5.67
C TYR A 40 -28.44 -4.27 7.17
N ASN A 41 -29.10 -5.25 7.78
CA ASN A 41 -29.03 -5.37 9.26
C ASN A 41 -27.91 -6.31 9.69
N SER A 42 -27.07 -6.78 8.77
CA SER A 42 -25.82 -7.52 9.11
C SER A 42 -24.70 -6.49 9.27
N ALA A 43 -24.12 -6.36 10.46
CA ALA A 43 -22.96 -5.46 10.69
C ALA A 43 -21.63 -6.19 10.44
N SER A 44 -21.58 -7.49 10.10
CA SER A 44 -20.34 -8.30 10.12
C SER A 44 -20.01 -8.93 8.77
N PHE A 45 -20.62 -8.46 7.70
CA PHE A 45 -20.06 -8.76 6.36
C PHE A 45 -18.73 -8.00 6.30
N SER A 46 -17.68 -8.55 5.68
CA SER A 46 -16.37 -7.84 5.55
C SER A 46 -16.44 -6.84 4.40
N THR A 47 -17.16 -7.17 3.34
CA THR A 47 -17.40 -6.23 2.24
C THR A 47 -18.87 -6.37 1.79
N PHE A 48 -19.43 -5.26 1.31
CA PHE A 48 -20.79 -5.15 0.76
C PHE A 48 -20.77 -3.94 -0.17
N LYS A 49 -20.57 -4.20 -1.46
CA LYS A 49 -20.42 -3.18 -2.51
C LYS A 49 -21.41 -3.48 -3.62
N CYS A 50 -21.99 -2.43 -4.18
CA CYS A 50 -22.88 -2.51 -5.37
C CYS A 50 -22.23 -1.71 -6.50
N TYR A 51 -22.49 -2.18 -7.72
CA TYR A 51 -21.95 -1.62 -8.98
C TYR A 51 -23.16 -1.33 -9.87
N GLY A 52 -23.27 -0.11 -10.39
CA GLY A 52 -24.42 0.25 -11.24
C GLY A 52 -25.53 0.89 -10.43
N VAL A 53 -25.85 0.36 -9.26
CA VAL A 53 -26.88 0.95 -8.37
C VAL A 53 -26.25 1.27 -7.02
N SER A 54 -26.69 2.34 -6.38
CA SER A 54 -26.35 2.66 -4.98
C SER A 54 -27.08 1.63 -4.11
N PRO A 55 -26.43 1.03 -3.09
CA PRO A 55 -27.09 0.13 -2.16
C PRO A 55 -28.22 0.79 -1.35
N THR A 56 -28.25 2.12 -1.28
CA THR A 56 -29.37 2.87 -0.66
C THR A 56 -30.65 2.76 -1.50
N LYS A 57 -30.59 2.32 -2.75
CA LYS A 57 -31.77 2.33 -3.65
C LYS A 57 -32.36 0.93 -3.78
N LEU A 58 -31.68 -0.11 -3.32
CA LEU A 58 -32.10 -1.52 -3.53
C LEU A 58 -33.59 -1.78 -3.21
N ASN A 59 -34.14 -1.16 -2.19
CA ASN A 59 -35.54 -1.40 -1.77
C ASN A 59 -36.51 -0.61 -2.67
N ASP A 60 -35.99 0.36 -3.41
CA ASP A 60 -36.81 1.20 -4.32
C ASP A 60 -36.73 0.66 -5.76
N LEU A 61 -36.07 -0.47 -6.01
CA LEU A 61 -35.72 -0.90 -7.40
C LEU A 61 -36.41 -2.23 -7.73
N CYS A 62 -36.68 -2.44 -8.99
CA CYS A 62 -37.24 -3.69 -9.57
C CYS A 62 -36.27 -4.25 -10.62
N PHE A 63 -36.16 -5.58 -10.73
CA PHE A 63 -35.36 -6.30 -11.74
C PHE A 63 -36.16 -7.43 -12.37
N THR A 64 -35.78 -7.87 -13.56
CA THR A 64 -36.56 -8.92 -14.27
C THR A 64 -36.20 -10.24 -13.61
N ASN A 65 -34.94 -10.38 -13.17
CA ASN A 65 -34.49 -11.51 -12.31
C ASN A 65 -33.29 -11.08 -11.49
N VAL A 66 -32.99 -11.86 -10.47
CA VAL A 66 -31.70 -11.76 -9.73
C VAL A 66 -31.04 -13.13 -9.74
N TYR A 67 -29.73 -13.16 -9.96
CA TYR A 67 -28.91 -14.39 -9.90
C TYR A 67 -27.99 -14.24 -8.68
N ALA A 68 -27.90 -15.29 -7.86
CA ALA A 68 -27.06 -15.32 -6.64
C ALA A 68 -26.00 -16.42 -6.81
N ASP A 69 -24.82 -15.98 -7.24
CA ASP A 69 -23.59 -16.79 -7.39
C ASP A 69 -22.91 -16.79 -6.02
N SER A 70 -22.45 -17.97 -5.59
CA SER A 70 -21.88 -18.17 -4.25
C SER A 70 -20.74 -19.20 -4.33
N PHE A 71 -19.72 -18.97 -3.53
CA PHE A 71 -18.50 -19.78 -3.49
C PHE A 71 -17.61 -19.27 -2.35
N VAL A 72 -16.51 -20.01 -2.16
CA VAL A 72 -15.46 -19.78 -1.14
C VAL A 72 -14.13 -19.51 -1.87
N ILE A 73 -13.43 -18.47 -1.41
CA ILE A 73 -12.03 -18.12 -1.79
C ILE A 73 -11.27 -17.73 -0.51
N ARG A 74 -9.96 -17.55 -0.61
CA ARG A 74 -9.10 -16.96 0.43
C ARG A 74 -9.40 -15.46 0.64
N GLY A 75 -9.02 -14.96 1.80
CA GLY A 75 -9.11 -13.53 2.15
C GLY A 75 -8.49 -12.66 1.09
N ASP A 76 -7.22 -12.88 0.79
CA ASP A 76 -6.43 -12.00 -0.11
C ASP A 76 -7.17 -11.84 -1.45
N GLU A 77 -8.00 -12.81 -1.86
CA GLU A 77 -8.60 -12.88 -3.23
C GLU A 77 -9.96 -12.16 -3.31
N VAL A 78 -10.50 -11.61 -2.23
CA VAL A 78 -11.88 -11.04 -2.24
C VAL A 78 -11.91 -9.75 -3.10
N ARG A 79 -10.81 -9.01 -3.16
CA ARG A 79 -10.73 -7.79 -3.98
C ARG A 79 -10.91 -8.16 -5.45
N GLN A 80 -10.73 -9.42 -5.84
CA GLN A 80 -10.86 -9.85 -7.28
C GLN A 80 -12.32 -9.95 -7.71
N ILE A 81 -13.26 -10.04 -6.75
CA ILE A 81 -14.71 -10.18 -7.06
C ILE A 81 -15.31 -8.76 -7.22
N ALA A 82 -14.89 -8.12 -8.31
CA ALA A 82 -15.23 -6.76 -8.71
C ALA A 82 -15.04 -6.64 -10.21
N PRO A 83 -15.78 -5.74 -10.88
CA PRO A 83 -15.52 -5.48 -12.29
C PRO A 83 -14.08 -4.95 -12.40
N GLY A 84 -13.39 -5.32 -13.48
CA GLY A 84 -12.08 -4.81 -13.91
C GLY A 84 -10.91 -5.36 -13.12
N GLN A 85 -11.06 -6.49 -12.43
CA GLN A 85 -9.94 -7.10 -11.66
C GLN A 85 -9.24 -8.17 -12.47
N THR A 86 -7.98 -8.50 -12.13
CA THR A 86 -7.21 -9.67 -12.66
C THR A 86 -6.60 -10.51 -11.52
N GLY A 87 -6.11 -11.72 -11.81
CA GLY A 87 -5.55 -12.66 -10.80
C GLY A 87 -6.14 -14.05 -10.95
N LYS A 88 -5.66 -15.08 -10.22
CA LYS A 88 -6.12 -16.48 -10.48
C LYS A 88 -7.65 -16.45 -10.49
N ILE A 89 -8.28 -15.74 -9.56
CA ILE A 89 -9.75 -15.89 -9.40
C ILE A 89 -10.49 -15.20 -10.55
N ALA A 90 -10.23 -13.89 -10.75
CA ALA A 90 -10.84 -13.08 -11.83
C ALA A 90 -10.57 -13.72 -13.19
N ASP A 91 -9.37 -14.26 -13.38
CA ASP A 91 -8.92 -14.70 -14.72
C ASP A 91 -9.43 -16.12 -14.99
N TYR A 92 -9.39 -17.04 -14.02
CA TYR A 92 -9.56 -18.50 -14.29
C TYR A 92 -10.75 -19.14 -13.53
N ASN A 93 -11.42 -18.38 -12.64
CA ASN A 93 -12.44 -18.98 -11.74
C ASN A 93 -13.79 -18.28 -11.87
N TYR A 94 -13.87 -16.98 -11.63
CA TYR A 94 -15.16 -16.24 -11.61
C TYR A 94 -14.90 -14.80 -12.09
N LYS A 95 -15.55 -14.39 -13.18
CA LYS A 95 -15.24 -13.10 -13.85
C LYS A 95 -16.48 -12.18 -13.85
N LEU A 96 -16.38 -10.98 -13.32
CA LEU A 96 -17.51 -10.04 -13.48
C LEU A 96 -17.32 -9.24 -14.76
N PRO A 97 -18.42 -8.83 -15.41
CA PRO A 97 -18.34 -7.93 -16.55
C PRO A 97 -17.90 -6.53 -16.08
N ASP A 98 -17.35 -5.72 -16.98
CA ASP A 98 -16.88 -4.35 -16.69
C ASP A 98 -18.09 -3.49 -16.36
N ASP A 99 -19.23 -3.76 -17.01
CA ASP A 99 -20.49 -2.97 -16.85
C ASP A 99 -21.41 -3.67 -15.86
N PHE A 100 -20.87 -4.46 -14.94
CA PHE A 100 -21.62 -5.19 -13.88
C PHE A 100 -22.56 -4.27 -13.12
N THR A 101 -23.81 -4.71 -13.01
CA THR A 101 -24.86 -4.15 -12.14
C THR A 101 -25.30 -5.24 -11.16
N GLY A 102 -24.99 -5.03 -9.89
CA GLY A 102 -25.28 -5.97 -8.81
C GLY A 102 -24.42 -5.65 -7.61
N CYS A 103 -24.39 -6.54 -6.62
CA CYS A 103 -23.66 -6.33 -5.36
C CYS A 103 -22.81 -7.56 -5.08
N VAL A 104 -21.67 -7.32 -4.43
CA VAL A 104 -20.75 -8.37 -3.95
C VAL A 104 -20.66 -8.27 -2.43
N ILE A 105 -21.01 -9.36 -1.78
CA ILE A 105 -20.99 -9.49 -0.31
C ILE A 105 -20.11 -10.69 0.04
N ALA A 106 -19.19 -10.48 0.97
CA ALA A 106 -18.31 -11.52 1.53
C ALA A 106 -18.18 -11.37 3.04
N TRP A 107 -17.89 -12.48 3.71
CA TRP A 107 -17.65 -12.54 5.16
C TRP A 107 -16.66 -13.68 5.45
N ASN A 108 -15.85 -13.46 6.46
CA ASN A 108 -14.88 -14.47 6.97
C ASN A 108 -15.64 -15.70 7.48
N SER A 109 -15.23 -16.89 7.07
CA SER A 109 -15.94 -18.15 7.38
C SER A 109 -14.99 -19.12 8.07
N ASN A 110 -13.94 -18.60 8.71
CA ASN A 110 -12.90 -19.45 9.36
C ASN A 110 -13.60 -20.36 10.37
N ASN A 111 -14.51 -19.82 11.17
CA ASN A 111 -15.42 -20.48 12.15
C ASN A 111 -16.03 -21.76 11.52
N LEU A 112 -16.45 -21.75 10.24
CA LEU A 112 -17.14 -22.89 9.57
C LEU A 112 -16.20 -23.68 8.64
N ASP A 113 -15.35 -23.02 7.88
CA ASP A 113 -14.71 -23.60 6.67
C ASP A 113 -13.28 -24.11 6.99
N SER A 114 -12.78 -23.91 8.21
CA SER A 114 -11.54 -24.56 8.69
C SER A 114 -11.86 -25.55 9.82
N LYS A 115 -11.48 -26.82 9.67
CA LYS A 115 -11.50 -27.89 10.69
C LYS A 115 -10.10 -27.96 11.30
N VAL A 116 -9.87 -28.84 12.29
CA VAL A 116 -8.54 -28.98 12.96
C VAL A 116 -7.52 -29.59 12.00
N GLY A 117 -7.81 -30.70 11.33
CA GLY A 117 -6.77 -31.27 10.44
C GLY A 117 -6.44 -30.34 9.28
N GLY A 118 -7.04 -29.14 9.23
CA GLY A 118 -7.17 -28.32 8.01
C GLY A 118 -8.22 -28.85 7.04
N ASN A 119 -8.92 -27.95 6.32
CA ASN A 119 -9.94 -28.25 5.29
C ASN A 119 -9.38 -27.94 3.90
N TYR A 120 -9.31 -28.98 3.08
CA TYR A 120 -8.66 -29.04 1.74
C TYR A 120 -9.71 -29.36 0.68
N ASN A 121 -11.00 -29.21 0.98
CA ASN A 121 -12.09 -29.59 0.06
C ASN A 121 -12.34 -28.49 -0.97
N TYR A 122 -12.16 -27.24 -0.60
CA TYR A 122 -12.42 -26.12 -1.53
C TYR A 122 -11.26 -26.09 -2.54
N LEU A 123 -11.56 -26.14 -3.84
CA LEU A 123 -10.56 -26.04 -4.92
C LEU A 123 -10.69 -24.70 -5.66
N TYR A 124 -9.62 -24.33 -6.36
CA TYR A 124 -9.58 -23.25 -7.38
C TYR A 124 -8.82 -23.74 -8.61
N ARG A 125 -9.08 -23.08 -9.73
CA ARG A 125 -8.36 -23.33 -11.01
C ARG A 125 -7.10 -22.47 -10.99
N LEU A 126 -5.98 -23.10 -11.28
CA LEU A 126 -4.61 -22.54 -11.20
C LEU A 126 -4.05 -22.21 -12.60
N PHE A 127 -4.49 -22.95 -13.62
CA PHE A 127 -4.01 -22.90 -15.02
C PHE A 127 -5.19 -22.94 -15.98
N ARG A 128 -5.11 -22.14 -17.05
CA ARG A 128 -6.14 -22.17 -18.10
C ARG A 128 -5.53 -21.69 -19.41
N LYS A 129 -5.93 -22.28 -20.53
CA LYS A 129 -5.51 -21.84 -21.88
C LYS A 129 -5.81 -20.35 -22.12
N SER A 130 -6.79 -19.75 -21.45
CA SER A 130 -7.21 -18.35 -21.68
C SER A 130 -8.11 -17.86 -20.55
N ASN A 131 -8.35 -16.54 -20.46
CA ASN A 131 -9.19 -15.98 -19.37
C ASN A 131 -10.65 -16.32 -19.63
N LEU A 132 -11.45 -16.40 -18.57
CA LEU A 132 -12.91 -16.62 -18.67
C LEU A 132 -13.55 -15.35 -19.23
N LYS A 133 -14.56 -15.50 -20.07
CA LYS A 133 -15.52 -14.41 -20.34
C LYS A 133 -16.29 -14.20 -19.05
N PRO A 134 -16.94 -13.04 -18.87
CA PRO A 134 -17.77 -12.81 -17.68
C PRO A 134 -18.80 -13.93 -17.52
N PHE A 135 -18.99 -14.39 -16.29
CA PHE A 135 -20.01 -15.40 -15.87
C PHE A 135 -19.77 -16.73 -16.60
N GLU A 136 -18.63 -16.91 -17.27
CA GLU A 136 -18.23 -18.24 -17.80
C GLU A 136 -17.86 -19.08 -16.57
N ARG A 137 -18.00 -20.39 -16.68
CA ARG A 137 -17.71 -21.37 -15.60
C ARG A 137 -17.13 -22.63 -16.22
N ASP A 138 -15.93 -23.02 -15.82
CA ASP A 138 -15.18 -24.19 -16.35
C ASP A 138 -15.02 -25.20 -15.22
N ILE A 139 -15.55 -26.40 -15.35
CA ILE A 139 -15.41 -27.45 -14.29
C ILE A 139 -14.60 -28.63 -14.86
N SER A 140 -13.90 -28.41 -15.97
CA SER A 140 -13.08 -29.43 -16.66
C SER A 140 -11.84 -29.76 -15.83
N THR A 141 -11.34 -30.98 -15.95
CA THR A 141 -10.11 -31.45 -15.25
C THR A 141 -9.14 -32.00 -16.30
N GLU A 142 -9.15 -31.38 -17.50
CA GLU A 142 -8.16 -31.59 -18.57
C GLU A 142 -6.77 -31.26 -18.02
N ILE A 143 -5.85 -32.20 -18.11
CA ILE A 143 -4.42 -31.97 -17.81
C ILE A 143 -4.00 -30.76 -18.64
N TYR A 144 -3.36 -29.78 -18.01
CA TYR A 144 -2.99 -28.48 -18.63
C TYR A 144 -1.60 -28.59 -19.26
N GLN A 145 -1.49 -28.28 -20.55
CA GLN A 145 -0.24 -28.37 -21.32
C GLN A 145 0.49 -27.03 -21.25
N ALA A 146 1.49 -26.92 -20.37
CA ALA A 146 2.23 -25.68 -20.06
C ALA A 146 3.34 -25.46 -21.09
N GLY A 147 3.93 -26.52 -21.63
CA GLY A 147 5.14 -26.43 -22.46
C GLY A 147 4.91 -26.62 -23.96
N SER A 148 6.01 -26.72 -24.69
CA SER A 148 6.12 -27.06 -26.13
C SER A 148 5.34 -28.34 -26.47
N THR A 149 5.39 -29.39 -25.64
CA THR A 149 4.99 -30.78 -26.03
C THR A 149 3.63 -31.15 -25.43
N PRO A 150 2.83 -31.99 -26.14
CA PRO A 150 1.48 -32.36 -25.70
C PRO A 150 1.48 -33.39 -24.56
N CYS A 151 0.34 -33.50 -23.87
CA CYS A 151 0.20 -34.21 -22.58
C CYS A 151 -0.44 -35.58 -22.77
N ASN A 152 -1.52 -35.65 -23.55
CA ASN A 152 -2.36 -36.85 -23.79
C ASN A 152 -2.98 -37.33 -22.47
N GLY A 153 -3.47 -36.38 -21.66
CA GLY A 153 -4.15 -36.63 -20.37
C GLY A 153 -3.23 -37.29 -19.34
N VAL A 154 -1.92 -37.40 -19.60
CA VAL A 154 -0.93 -37.90 -18.61
C VAL A 154 -0.11 -36.72 -18.07
N GLU A 155 0.09 -36.71 -16.75
CA GLU A 155 0.74 -35.64 -15.97
C GLU A 155 2.26 -35.85 -15.95
N GLY A 156 3.02 -34.77 -15.73
CA GLY A 156 4.51 -34.81 -15.69
C GLY A 156 5.11 -33.43 -15.84
N PHE A 157 6.24 -33.33 -16.54
CA PHE A 157 6.99 -32.06 -16.77
C PHE A 157 6.13 -31.19 -17.72
N ASN A 158 5.82 -29.96 -17.31
CA ASN A 158 4.98 -29.01 -18.09
C ASN A 158 3.63 -29.66 -18.43
N CYS A 159 3.18 -30.66 -17.68
CA CYS A 159 1.83 -31.28 -17.82
C CYS A 159 1.19 -31.40 -16.44
N TYR A 160 0.28 -30.48 -16.09
CA TYR A 160 -0.18 -30.26 -14.69
C TYR A 160 -1.68 -30.54 -14.53
N PHE A 161 -2.08 -30.97 -13.34
CA PHE A 161 -3.50 -30.99 -12.91
C PHE A 161 -3.94 -29.53 -12.72
N PRO A 162 -5.07 -29.08 -13.31
CA PRO A 162 -5.39 -27.65 -13.36
C PRO A 162 -5.94 -27.04 -12.07
N LEU A 163 -6.43 -27.88 -11.14
CA LEU A 163 -7.06 -27.47 -9.88
C LEU A 163 -6.10 -27.70 -8.70
N GLN A 164 -6.35 -27.00 -7.60
CA GLN A 164 -5.56 -27.14 -6.37
C GLN A 164 -6.43 -26.79 -5.18
N SER A 165 -6.29 -27.54 -4.10
CA SER A 165 -6.98 -27.26 -2.81
C SER A 165 -6.48 -25.93 -2.25
N TYR A 166 -7.39 -25.10 -1.78
CA TYR A 166 -7.11 -24.17 -0.66
C TYR A 166 -6.84 -25.05 0.55
N GLY A 167 -5.85 -24.68 1.33
CA GLY A 167 -5.65 -25.23 2.67
C GLY A 167 -6.16 -24.27 3.71
N PHE A 168 -7.40 -24.46 4.18
CA PHE A 168 -7.95 -23.66 5.30
C PHE A 168 -7.62 -24.39 6.61
N GLN A 169 -6.55 -23.92 7.27
CA GLN A 169 -6.14 -24.28 8.65
C GLN A 169 -6.58 -23.14 9.58
N PRO A 170 -7.05 -23.43 10.79
CA PRO A 170 -7.58 -22.37 11.65
C PRO A 170 -6.48 -21.40 12.09
N THR A 171 -5.23 -21.84 12.03
CA THR A 171 -4.01 -21.04 12.35
C THR A 171 -3.72 -19.99 11.25
N ASN A 172 -4.33 -20.09 10.08
CA ASN A 172 -3.95 -19.26 8.90
C ASN A 172 -4.11 -17.76 9.15
N GLY A 173 -3.30 -16.95 8.51
CA GLY A 173 -3.50 -15.50 8.54
C GLY A 173 -4.76 -15.16 7.78
N VAL A 174 -5.33 -14.01 8.12
CA VAL A 174 -6.55 -13.46 7.45
C VAL A 174 -6.52 -13.76 5.93
N GLY A 175 -5.44 -13.43 5.25
CA GLY A 175 -5.40 -13.53 3.78
C GLY A 175 -5.48 -14.97 3.31
N TYR A 176 -5.25 -15.92 4.22
CA TYR A 176 -5.28 -17.36 3.88
C TYR A 176 -6.48 -18.01 4.54
N GLN A 177 -7.36 -17.22 5.17
CA GLN A 177 -8.64 -17.71 5.76
C GLN A 177 -9.76 -17.71 4.72
N PRO A 178 -10.72 -18.65 4.83
CA PRO A 178 -11.80 -18.76 3.87
C PRO A 178 -12.78 -17.59 4.06
N TYR A 179 -13.24 -17.05 2.94
CA TYR A 179 -14.35 -16.05 2.86
C TYR A 179 -15.46 -16.67 2.00
N ARG A 180 -16.70 -16.55 2.47
CA ARG A 180 -17.89 -16.92 1.67
C ARG A 180 -18.29 -15.68 0.90
N VAL A 181 -18.61 -15.86 -0.37
CA VAL A 181 -18.96 -14.73 -1.27
C VAL A 181 -20.32 -15.03 -1.88
N VAL A 182 -21.15 -14.00 -1.92
CA VAL A 182 -22.41 -13.99 -2.69
C VAL A 182 -22.36 -12.79 -3.61
N VAL A 183 -22.59 -13.04 -4.90
CA VAL A 183 -22.68 -12.03 -5.97
C VAL A 183 -24.12 -12.03 -6.42
N LEU A 184 -24.82 -10.92 -6.19
CA LEU A 184 -26.18 -10.66 -6.71
C LEU A 184 -26.05 -9.88 -8.03
N SER A 185 -26.39 -10.52 -9.15
CA SER A 185 -26.46 -9.92 -10.50
C SER A 185 -27.92 -9.57 -10.72
N PHE A 186 -28.17 -8.26 -10.86
CA PHE A 186 -29.47 -7.65 -11.22
C PHE A 186 -29.60 -7.59 -12.74
N GLU A 187 -30.45 -8.43 -13.28
CA GLU A 187 -30.71 -8.54 -14.71
C GLU A 187 -31.93 -7.69 -15.06
N LEU A 188 -31.79 -6.80 -16.05
CA LEU A 188 -32.89 -5.95 -16.59
C LEU A 188 -33.10 -6.24 -18.08
N LEU A 189 -34.26 -6.77 -18.45
CA LEU A 189 -34.67 -7.14 -19.81
C LEU A 189 -35.96 -6.40 -20.18
N HIS A 190 -36.33 -6.42 -21.46
CA HIS A 190 -37.63 -5.91 -21.96
C HIS A 190 -38.69 -6.94 -21.59
N ALA A 191 -38.96 -7.07 -20.30
CA ALA A 191 -39.79 -8.15 -19.72
C ALA A 191 -40.35 -7.68 -18.39
N PRO A 192 -41.43 -8.34 -17.93
CA PRO A 192 -41.98 -8.05 -16.61
C PRO A 192 -40.93 -8.15 -15.51
N ALA A 193 -40.89 -7.17 -14.60
CA ALA A 193 -40.03 -7.12 -13.41
C ALA A 193 -40.63 -8.06 -12.37
N THR A 194 -39.97 -9.19 -12.10
CA THR A 194 -40.48 -10.26 -11.21
C THR A 194 -39.81 -10.20 -9.84
N VAL A 195 -38.87 -9.28 -9.63
CA VAL A 195 -38.16 -9.10 -8.32
C VAL A 195 -38.18 -7.62 -7.95
N CYS A 196 -38.96 -7.28 -6.94
CA CYS A 196 -39.17 -5.87 -6.53
C CYS A 196 -38.92 -5.71 -5.04
N GLY A 197 -38.34 -4.57 -4.65
CA GLY A 197 -38.23 -4.20 -3.23
C GLY A 197 -39.64 -3.99 -2.72
N PRO A 198 -39.82 -3.80 -1.40
CA PRO A 198 -41.16 -3.60 -0.83
C PRO A 198 -41.80 -2.25 -1.17
N LYS A 199 -41.11 -1.38 -1.93
CA LYS A 199 -41.76 -0.44 -2.91
C LYS A 199 -40.92 -0.33 -4.20
N GLN B 1 -4.54 0.75 -11.07
CA GLN B 1 -3.52 1.48 -10.23
C GLN B 1 -3.63 2.99 -10.50
N VAL B 2 -4.87 3.50 -10.50
CA VAL B 2 -5.23 4.91 -10.17
C VAL B 2 -4.29 5.44 -9.07
N GLN B 3 -3.74 6.64 -9.24
CA GLN B 3 -3.09 7.42 -8.16
C GLN B 3 -3.95 8.64 -7.88
N LEU B 4 -4.03 9.05 -6.63
CA LEU B 4 -4.87 10.21 -6.23
C LEU B 4 -3.96 11.27 -5.62
N VAL B 5 -4.17 12.54 -5.96
CA VAL B 5 -3.36 13.65 -5.37
C VAL B 5 -4.27 14.75 -4.82
N GLU B 6 -4.29 14.88 -3.49
CA GLU B 6 -5.03 15.94 -2.77
C GLU B 6 -4.30 17.28 -2.93
N SER B 7 -4.99 18.39 -2.71
CA SER B 7 -4.45 19.78 -2.66
C SER B 7 -5.49 20.72 -2.04
N GLY B 8 -5.07 21.95 -1.75
CA GLY B 8 -5.93 23.01 -1.18
C GLY B 8 -5.74 23.13 0.33
N GLY B 9 -5.00 22.20 0.93
CA GLY B 9 -4.67 22.23 2.37
C GLY B 9 -3.84 23.44 2.73
N GLY B 10 -3.85 23.81 4.00
CA GLY B 10 -3.04 24.91 4.55
C GLY B 10 -3.68 25.47 5.80
N LEU B 11 -3.30 26.68 6.19
CA LEU B 11 -3.79 27.37 7.41
C LEU B 11 -5.11 28.09 7.09
N VAL B 12 -6.09 28.05 7.99
CA VAL B 12 -7.33 28.85 7.84
C VAL B 12 -7.92 29.20 9.21
N GLN B 13 -8.54 30.39 9.28
CA GLN B 13 -9.25 30.94 10.47
C GLN B 13 -10.47 30.07 10.81
N ALA B 14 -10.72 29.80 12.08
CA ALA B 14 -12.02 29.26 12.57
C ALA B 14 -13.14 30.12 11.97
N GLY B 15 -14.23 29.49 11.50
CA GLY B 15 -15.33 30.18 10.81
C GLY B 15 -15.08 30.27 9.31
N GLY B 16 -13.82 30.29 8.88
CA GLY B 16 -13.43 30.37 7.46
C GLY B 16 -13.83 29.16 6.64
N SER B 17 -13.50 29.21 5.36
CA SER B 17 -13.83 28.21 4.31
C SER B 17 -12.56 27.73 3.64
N LEU B 18 -12.62 26.60 2.97
CA LEU B 18 -11.44 26.02 2.30
C LEU B 18 -11.93 24.90 1.41
N ARG B 19 -11.48 24.87 0.15
CA ARG B 19 -11.87 23.80 -0.80
C ARG B 19 -10.67 22.89 -1.06
N LEU B 20 -10.76 21.63 -0.65
CA LEU B 20 -9.79 20.60 -1.07
C LEU B 20 -10.18 20.07 -2.45
N ALA B 21 -9.20 19.68 -3.24
CA ALA B 21 -9.39 18.96 -4.51
C ALA B 21 -8.56 17.68 -4.46
N CYS B 22 -9.02 16.67 -5.19
CA CYS B 22 -8.26 15.43 -5.44
C CYS B 22 -8.37 15.10 -6.92
N ILE B 23 -7.25 14.93 -7.60
CA ILE B 23 -7.22 14.53 -9.04
C ILE B 23 -6.82 13.05 -9.11
N ALA B 24 -7.56 12.23 -9.86
CA ALA B 24 -7.23 10.82 -10.14
C ALA B 24 -6.56 10.73 -11.51
N SER B 25 -5.46 9.99 -11.60
CA SER B 25 -4.88 9.54 -12.87
C SER B 25 -5.86 8.54 -13.52
N GLY B 26 -5.59 8.08 -14.74
CA GLY B 26 -6.44 7.11 -15.45
C GLY B 26 -7.54 7.81 -16.22
N ARG B 27 -8.40 7.06 -16.91
CA ARG B 27 -9.47 7.59 -17.78
C ARG B 27 -10.81 6.91 -17.43
N THR B 28 -11.02 6.53 -16.18
CA THR B 28 -12.20 5.74 -15.73
C THR B 28 -12.79 6.35 -14.46
N PHE B 29 -12.38 7.58 -14.12
CA PHE B 29 -12.85 8.34 -12.94
C PHE B 29 -14.37 8.24 -12.83
N HIS B 30 -15.09 8.20 -13.97
CA HIS B 30 -16.59 8.19 -14.03
C HIS B 30 -17.12 7.01 -13.23
N SER B 31 -16.38 5.90 -13.21
CA SER B 31 -16.79 4.60 -12.61
C SER B 31 -16.26 4.42 -11.18
N TYR B 32 -15.66 5.46 -10.60
CA TYR B 32 -15.10 5.42 -9.23
C TYR B 32 -16.01 6.22 -8.28
N VAL B 33 -16.42 5.59 -7.20
CA VAL B 33 -16.97 6.28 -5.99
C VAL B 33 -15.80 7.01 -5.34
N MET B 34 -15.92 8.30 -5.10
CA MET B 34 -14.85 9.10 -4.46
C MET B 34 -15.28 9.41 -3.03
N ALA B 35 -14.33 9.34 -2.09
CA ALA B 35 -14.52 9.64 -0.65
C ALA B 35 -13.40 10.54 -0.13
N TRP B 36 -13.70 11.27 0.94
CA TRP B 36 -12.70 11.97 1.76
C TRP B 36 -12.74 11.39 3.16
N PHE B 37 -11.57 11.06 3.69
CA PHE B 37 -11.37 10.68 5.11
C PHE B 37 -10.43 11.70 5.74
N ARG B 38 -10.33 11.71 7.05
CA ARG B 38 -9.32 12.58 7.69
C ARG B 38 -8.78 11.89 8.93
N GLN B 39 -7.59 12.31 9.35
CA GLN B 39 -6.99 11.83 10.60
C GLN B 39 -6.51 13.04 11.41
N ALA B 40 -7.18 13.30 12.53
CA ALA B 40 -6.85 14.39 13.46
C ALA B 40 -5.81 13.86 14.40
N PRO B 41 -5.00 14.73 15.04
CA PRO B 41 -3.97 14.26 15.97
C PRO B 41 -4.51 13.29 17.03
N GLY B 42 -3.83 12.15 17.22
CA GLY B 42 -4.14 11.08 18.19
C GLY B 42 -5.48 10.36 17.95
N LYS B 43 -5.89 10.15 16.71
CA LYS B 43 -7.17 9.48 16.36
C LYS B 43 -7.00 8.65 15.09
N GLU B 44 -7.94 7.76 14.81
CA GLU B 44 -7.96 6.93 13.58
C GLU B 44 -8.40 7.78 12.39
N ARG B 45 -8.16 7.26 11.20
CA ARG B 45 -8.82 7.72 9.97
C ARG B 45 -10.33 7.70 10.25
N GLU B 46 -10.97 8.83 9.96
CA GLU B 46 -12.40 9.09 10.19
C GLU B 46 -13.01 9.44 8.83
N PHE B 47 -14.18 8.89 8.52
CA PHE B 47 -14.94 9.18 7.29
C PHE B 47 -15.39 10.63 7.35
N VAL B 48 -15.21 11.39 6.26
CA VAL B 48 -15.73 12.79 6.14
C VAL B 48 -16.91 12.81 5.17
N ALA B 49 -16.73 12.36 3.92
CA ALA B 49 -17.79 12.40 2.91
C ALA B 49 -17.49 11.42 1.76
N ALA B 50 -18.50 11.11 0.96
CA ALA B 50 -18.37 10.26 -0.25
C ALA B 50 -19.44 10.66 -1.27
N ILE B 51 -19.15 10.36 -2.52
CA ILE B 51 -20.05 10.68 -3.63
C ILE B 51 -20.10 9.48 -4.57
N SER B 52 -21.31 8.99 -4.87
CA SER B 52 -21.57 7.93 -5.87
C SER B 52 -21.25 8.46 -7.26
N TRP B 53 -21.39 7.59 -8.26
CA TRP B 53 -20.94 7.81 -9.66
C TRP B 53 -21.65 9.01 -10.26
N SER B 54 -22.97 9.06 -10.12
CA SER B 54 -23.89 10.09 -10.69
C SER B 54 -23.83 11.39 -9.88
N SER B 55 -23.21 11.37 -8.70
CA SER B 55 -23.35 12.37 -7.60
C SER B 55 -24.64 12.15 -6.81
N THR B 56 -25.50 11.19 -7.19
CA THR B 56 -26.96 11.24 -6.90
C THR B 56 -27.27 10.80 -5.48
N PRO B 57 -26.52 9.85 -4.87
CA PRO B 57 -26.31 9.82 -3.41
C PRO B 57 -24.94 10.37 -2.96
N THR B 58 -24.94 11.35 -2.05
CA THR B 58 -23.74 11.83 -1.28
C THR B 58 -23.85 11.39 0.18
N TYR B 59 -22.73 11.22 0.85
CA TYR B 59 -22.66 10.82 2.26
C TYR B 59 -21.76 11.79 3.03
N TYR B 60 -22.06 12.04 4.31
CA TYR B 60 -21.26 12.91 5.20
C TYR B 60 -21.20 12.31 6.61
N GLY B 61 -20.04 12.42 7.27
CA GLY B 61 -19.86 12.12 8.71
C GLY B 61 -20.75 13.00 9.57
N GLU B 62 -21.08 12.57 10.79
CA GLU B 62 -22.00 13.36 11.64
C GLU B 62 -21.42 14.78 11.84
N SER B 63 -20.15 14.90 12.28
CA SER B 63 -19.45 16.18 12.60
C SER B 63 -19.49 17.18 11.46
N VAL B 64 -19.58 16.76 10.21
CA VAL B 64 -19.39 17.70 9.06
C VAL B 64 -20.70 17.94 8.31
N LYS B 65 -21.75 17.16 8.56
CA LYS B 65 -23.07 17.33 7.91
C LYS B 65 -23.47 18.80 8.07
N GLY B 66 -23.88 19.46 7.00
CA GLY B 66 -24.34 20.87 7.05
C GLY B 66 -23.27 21.82 6.56
N ARG B 67 -22.02 21.54 6.92
CA ARG B 67 -20.87 22.48 6.77
C ARG B 67 -20.06 22.07 5.54
N PHE B 68 -19.87 20.79 5.32
CA PHE B 68 -19.04 20.27 4.20
C PHE B 68 -19.92 19.83 3.03
N THR B 69 -19.48 20.11 1.82
CA THR B 69 -20.16 19.68 0.58
C THR B 69 -19.16 18.98 -0.32
N ILE B 70 -19.43 17.73 -0.67
CA ILE B 70 -18.64 16.95 -1.66
C ILE B 70 -19.29 17.12 -3.03
N SER B 71 -18.47 17.18 -4.07
CA SER B 71 -18.94 17.28 -5.48
C SER B 71 -17.85 16.69 -6.38
N ARG B 72 -18.23 16.33 -7.61
CA ARG B 72 -17.26 15.74 -8.58
C ARG B 72 -17.44 16.40 -9.95
N ASP B 73 -16.35 16.55 -10.68
CA ASP B 73 -16.35 17.01 -12.08
C ASP B 73 -15.61 15.94 -12.88
N ASN B 74 -16.36 15.12 -13.63
CA ASN B 74 -15.79 13.96 -14.37
C ASN B 74 -14.86 14.46 -15.46
N ALA B 75 -15.23 15.53 -16.17
CA ALA B 75 -14.36 16.20 -17.18
C ALA B 75 -12.92 16.38 -16.65
N LYS B 76 -12.73 16.80 -15.39
CA LYS B 76 -11.39 17.13 -14.84
C LYS B 76 -10.86 16.00 -13.97
N ASN B 77 -11.52 14.84 -13.90
CA ASN B 77 -11.08 13.69 -13.06
C ASN B 77 -10.84 14.16 -11.63
N THR B 78 -11.66 15.08 -11.13
CA THR B 78 -11.47 15.77 -9.83
C THR B 78 -12.68 15.58 -8.91
N VAL B 79 -12.43 15.27 -7.65
CA VAL B 79 -13.47 15.37 -6.59
C VAL B 79 -13.10 16.54 -5.69
N TYR B 80 -14.10 17.28 -5.24
CA TYR B 80 -13.94 18.50 -4.40
C TYR B 80 -14.52 18.25 -3.00
N LEU B 81 -14.04 18.97 -2.00
CA LEU B 81 -14.63 19.04 -0.64
C LEU B 81 -14.63 20.49 -0.17
N GLN B 82 -15.79 21.13 -0.25
CA GLN B 82 -15.98 22.53 0.21
C GLN B 82 -16.21 22.45 1.71
N MET B 83 -15.31 23.04 2.51
CA MET B 83 -15.40 23.08 3.98
C MET B 83 -15.76 24.50 4.41
N ASN B 84 -16.96 24.65 4.98
CA ASN B 84 -17.49 25.94 5.48
C ASN B 84 -17.52 25.92 7.01
N ARG B 85 -17.56 27.10 7.62
CA ARG B 85 -17.77 27.28 9.07
C ARG B 85 -16.86 26.28 9.80
N LEU B 86 -15.54 26.40 9.56
CA LEU B 86 -14.49 25.46 10.02
C LEU B 86 -14.24 25.63 11.53
N LYS B 87 -14.13 24.51 12.25
CA LYS B 87 -13.89 24.44 13.71
C LYS B 87 -12.50 23.83 13.94
N PRO B 88 -11.88 24.07 15.11
CA PRO B 88 -10.60 23.43 15.42
C PRO B 88 -10.61 21.89 15.30
N GLU B 89 -11.73 21.24 15.60
CA GLU B 89 -11.91 19.77 15.42
C GLU B 89 -11.69 19.38 13.95
N ASP B 90 -11.66 20.32 13.01
CA ASP B 90 -11.47 20.03 11.58
C ASP B 90 -9.98 19.91 11.24
N THR B 91 -9.09 20.43 12.09
CA THR B 91 -7.61 20.27 11.95
C THR B 91 -7.24 18.78 11.85
N ALA B 92 -6.61 18.41 10.76
CA ALA B 92 -6.32 16.99 10.42
C ALA B 92 -5.71 16.88 9.02
N VAL B 93 -5.18 15.72 8.71
CA VAL B 93 -4.80 15.35 7.32
C VAL B 93 -6.04 14.77 6.63
N TYR B 94 -6.37 15.32 5.47
CA TYR B 94 -7.50 14.91 4.62
C TYR B 94 -6.94 14.00 3.51
N PHE B 95 -7.41 12.77 3.52
CA PHE B 95 -7.07 11.72 2.54
C PHE B 95 -8.23 11.56 1.57
N CYS B 96 -7.91 11.61 0.30
CA CYS B 96 -8.83 11.28 -0.82
C CYS B 96 -8.81 9.75 -0.99
N ALA B 97 -9.96 9.12 -1.23
CA ALA B 97 -10.02 7.66 -1.49
C ALA B 97 -11.00 7.33 -2.63
N ALA B 98 -10.83 6.18 -3.28
CA ALA B 98 -11.60 5.82 -4.49
C ALA B 98 -11.84 4.30 -4.52
N ASP B 99 -13.02 3.89 -4.99
CA ASP B 99 -13.29 2.46 -5.31
C ASP B 99 -14.28 2.33 -6.47
N ARG B 100 -14.18 1.26 -7.26
CA ARG B 100 -15.18 0.95 -8.33
C ARG B 100 -16.58 0.81 -7.71
N GLY B 101 -16.66 0.29 -6.49
CA GLY B 101 -17.91 -0.09 -5.84
C GLY B 101 -18.36 0.93 -4.82
N GLU B 102 -19.67 1.03 -4.60
CA GLU B 102 -20.31 1.87 -3.57
C GLU B 102 -20.67 0.93 -2.42
N SER B 103 -20.09 1.15 -1.23
CA SER B 103 -20.25 0.21 -0.09
C SER B 103 -21.48 0.60 0.72
N TYR B 104 -22.24 -0.40 1.18
CA TYR B 104 -23.22 -0.21 2.27
C TYR B 104 -22.48 0.33 3.50
N TYR B 105 -21.28 -0.17 3.74
CA TYR B 105 -20.38 0.21 4.85
C TYR B 105 -19.46 1.33 4.37
N TYR B 106 -20.05 2.40 3.85
CA TYR B 106 -19.31 3.48 3.14
C TYR B 106 -18.29 4.16 4.06
N THR B 107 -18.38 4.06 5.39
CA THR B 107 -17.41 4.72 6.31
C THR B 107 -16.20 3.82 6.58
N ARG B 108 -16.16 2.60 6.03
CA ARG B 108 -15.03 1.70 6.30
C ARG B 108 -13.87 2.04 5.38
N PRO B 109 -12.67 2.37 5.90
CA PRO B 109 -11.51 2.58 5.04
C PRO B 109 -11.21 1.30 4.24
N THR B 110 -11.48 0.13 4.81
CA THR B 110 -11.20 -1.11 4.06
C THR B 110 -12.07 -1.23 2.81
N GLU B 111 -13.10 -0.41 2.62
CA GLU B 111 -14.01 -0.60 1.46
C GLU B 111 -13.54 0.27 0.28
N TYR B 112 -12.32 0.81 0.35
CA TYR B 112 -11.77 1.68 -0.74
C TYR B 112 -10.37 1.23 -1.15
N GLU B 113 -10.17 0.82 -2.40
CA GLU B 113 -8.86 0.28 -2.86
C GLU B 113 -7.80 1.38 -2.89
N PHE B 114 -8.15 2.62 -3.23
CA PHE B 114 -7.17 3.62 -3.68
C PHE B 114 -7.21 4.81 -2.74
N TRP B 115 -6.03 5.34 -2.41
CA TRP B 115 -5.79 6.32 -1.32
C TRP B 115 -4.74 7.36 -1.73
N GLY B 116 -5.01 8.65 -1.56
CA GLY B 116 -3.94 9.68 -1.61
C GLY B 116 -3.08 9.65 -0.35
N GLN B 117 -1.93 10.32 -0.39
CA GLN B 117 -1.00 10.53 0.75
C GLN B 117 -1.59 11.54 1.76
N GLY B 118 -2.43 12.48 1.31
CA GLY B 118 -3.18 13.39 2.20
C GLY B 118 -2.68 14.82 2.10
N THR B 119 -3.58 15.78 2.24
CA THR B 119 -3.24 17.21 2.44
C THR B 119 -3.53 17.61 3.91
N GLN B 120 -2.64 18.39 4.53
CA GLN B 120 -2.78 18.93 5.92
C GLN B 120 -3.63 20.20 5.89
N VAL B 121 -4.65 20.22 6.73
CA VAL B 121 -5.47 21.42 7.04
C VAL B 121 -5.21 21.75 8.51
N THR B 122 -5.02 23.03 8.82
CA THR B 122 -4.81 23.47 10.21
C THR B 122 -5.77 24.67 10.39
N VAL B 123 -6.61 24.64 11.44
CA VAL B 123 -7.60 25.71 11.76
C VAL B 123 -7.13 26.44 13.03
N SER B 124 -6.88 27.75 12.99
CA SER B 124 -6.44 28.54 14.18
C SER B 124 -7.59 29.37 14.77
N SER B 125 -7.34 30.03 15.92
CA SER B 125 -8.33 30.81 16.73
C SER B 125 -7.73 32.10 17.30
N GLN C 1 -13.02 -39.67 7.82
CA GLN C 1 -12.41 -40.96 8.29
C GLN C 1 -12.26 -41.94 7.12
N VAL C 2 -11.06 -42.48 6.89
CA VAL C 2 -10.86 -43.71 6.07
C VAL C 2 -9.86 -44.65 6.76
N GLN C 3 -10.02 -45.94 6.45
CA GLN C 3 -9.18 -47.05 6.97
C GLN C 3 -8.52 -47.71 5.76
N LEU C 4 -7.23 -48.03 5.89
CA LEU C 4 -6.38 -48.57 4.81
C LEU C 4 -5.83 -49.94 5.25
N VAL C 5 -5.99 -50.97 4.42
CA VAL C 5 -5.52 -52.36 4.73
C VAL C 5 -4.63 -52.85 3.59
N GLU C 6 -3.32 -52.86 3.81
CA GLU C 6 -2.30 -53.45 2.90
C GLU C 6 -2.38 -54.98 2.95
N SER C 7 -1.97 -55.64 1.86
CA SER C 7 -1.89 -57.12 1.70
C SER C 7 -1.02 -57.48 0.49
N GLY C 8 -0.43 -58.69 0.51
CA GLY C 8 0.37 -59.24 -0.60
C GLY C 8 1.86 -59.10 -0.39
N GLY C 9 2.29 -58.64 0.80
CA GLY C 9 3.72 -58.64 1.19
C GLY C 9 4.16 -60.02 1.62
N GLY C 10 5.46 -60.19 1.80
CA GLY C 10 6.08 -61.47 2.23
C GLY C 10 7.46 -61.63 1.62
N LEU C 11 7.89 -62.87 1.46
CA LEU C 11 9.25 -63.26 1.03
C LEU C 11 9.27 -63.39 -0.50
N MET C 12 10.33 -62.93 -1.16
CA MET C 12 10.59 -63.19 -2.60
C MET C 12 12.08 -63.08 -2.90
N GLN C 13 12.59 -63.88 -3.86
CA GLN C 13 14.00 -63.83 -4.34
C GLN C 13 14.22 -62.54 -5.13
N ALA C 14 15.39 -61.90 -4.97
CA ALA C 14 15.82 -60.70 -5.73
C ALA C 14 15.77 -61.01 -7.23
N GLY C 15 15.13 -60.13 -8.03
CA GLY C 15 14.89 -60.32 -9.47
C GLY C 15 13.49 -60.82 -9.77
N GLY C 16 12.74 -61.18 -8.72
CA GLY C 16 11.34 -61.65 -8.78
C GLY C 16 10.35 -60.52 -8.50
N SER C 17 9.06 -60.88 -8.39
CA SER C 17 7.92 -59.93 -8.43
C SER C 17 7.00 -60.17 -7.24
N LEU C 18 6.34 -59.10 -6.80
CA LEU C 18 5.29 -59.09 -5.76
C LEU C 18 4.26 -57.99 -6.09
N ARG C 19 3.00 -58.21 -5.70
CA ARG C 19 1.87 -57.27 -5.96
C ARG C 19 1.22 -56.88 -4.62
N LEU C 20 1.44 -55.66 -4.15
CA LEU C 20 0.76 -55.13 -2.95
C LEU C 20 -0.60 -54.55 -3.36
N SER C 21 -1.64 -54.86 -2.59
CA SER C 21 -2.98 -54.22 -2.64
C SER C 21 -3.16 -53.38 -1.38
N CYS C 22 -3.98 -52.35 -1.47
CA CYS C 22 -4.46 -51.57 -0.32
C CYS C 22 -5.92 -51.20 -0.59
N ALA C 23 -6.83 -51.66 0.28
CA ALA C 23 -8.29 -51.46 0.22
C ALA C 23 -8.65 -50.23 1.07
N VAL C 24 -9.33 -49.26 0.46
CA VAL C 24 -9.77 -48.01 1.14
C VAL C 24 -11.23 -48.21 1.54
N SER C 25 -11.57 -47.86 2.79
CA SER C 25 -12.92 -47.95 3.37
C SER C 25 -13.15 -46.71 4.26
N GLY C 26 -14.40 -46.33 4.47
CA GLY C 26 -14.81 -45.07 5.14
C GLY C 26 -15.30 -44.09 4.09
N ARG C 27 -15.05 -42.79 4.30
CA ARG C 27 -15.44 -41.69 3.37
C ARG C 27 -14.54 -41.71 2.13
N THR C 28 -14.82 -42.62 1.21
CA THR C 28 -13.98 -42.95 0.03
C THR C 28 -14.14 -41.94 -1.10
N PHE C 29 -15.24 -41.21 -1.13
CA PHE C 29 -15.49 -40.14 -2.12
C PHE C 29 -14.45 -39.01 -1.92
N SER C 30 -13.68 -39.04 -0.83
CA SER C 30 -12.74 -37.98 -0.39
C SER C 30 -11.32 -38.25 -0.88
N THR C 31 -11.06 -39.36 -1.57
CA THR C 31 -9.66 -39.68 -1.95
C THR C 31 -9.28 -38.76 -3.12
N ALA C 32 -8.22 -37.97 -2.97
CA ALA C 32 -7.61 -37.12 -4.01
C ALA C 32 -6.43 -37.85 -4.66
N ALA C 33 -5.50 -38.35 -3.83
CA ALA C 33 -4.34 -39.16 -4.26
C ALA C 33 -4.05 -40.25 -3.25
N MET C 34 -3.37 -41.29 -3.71
CA MET C 34 -2.84 -42.41 -2.86
C MET C 34 -1.33 -42.47 -3.03
N GLY C 35 -0.64 -42.97 -2.02
CA GLY C 35 0.80 -43.17 -2.05
C GLY C 35 1.18 -44.51 -1.46
N TRP C 36 2.33 -45.03 -1.88
CA TRP C 36 3.08 -46.08 -1.17
C TRP C 36 4.35 -45.45 -0.60
N PHE C 37 4.63 -45.75 0.64
CA PHE C 37 5.91 -45.44 1.33
C PHE C 37 6.49 -46.76 1.83
N ARG C 38 7.80 -46.78 2.07
CA ARG C 38 8.48 -47.92 2.69
C ARG C 38 9.42 -47.40 3.78
N GLN C 39 9.72 -48.26 4.73
CA GLN C 39 10.69 -47.93 5.80
C GLN C 39 11.39 -49.21 6.21
N ALA C 40 12.66 -49.36 5.81
CA ALA C 40 13.53 -50.46 6.27
C ALA C 40 13.75 -50.29 7.77
N PRO C 41 14.06 -51.38 8.51
CA PRO C 41 14.29 -51.26 9.95
C PRO C 41 15.39 -50.25 10.30
N GLY C 42 15.06 -49.25 11.14
CA GLY C 42 16.01 -48.30 11.74
C GLY C 42 16.45 -47.18 10.81
N LYS C 43 15.90 -47.11 9.58
CA LYS C 43 16.15 -46.04 8.58
C LYS C 43 14.86 -45.23 8.39
N GLU C 44 14.96 -43.98 7.93
CA GLU C 44 13.81 -43.02 7.86
C GLU C 44 12.86 -43.47 6.74
N ARG C 45 11.57 -43.16 6.89
CA ARG C 45 10.50 -43.48 5.90
C ARG C 45 10.94 -42.91 4.56
N GLU C 46 10.58 -43.53 3.44
CA GLU C 46 10.87 -42.97 2.09
C GLU C 46 9.67 -43.15 1.16
N PHE C 47 9.38 -42.09 0.41
CA PHE C 47 8.34 -42.07 -0.63
C PHE C 47 8.73 -43.06 -1.72
N VAL C 48 7.76 -43.84 -2.21
CA VAL C 48 7.94 -44.88 -3.26
C VAL C 48 7.20 -44.44 -4.51
N ALA C 49 5.87 -44.26 -4.42
CA ALA C 49 5.03 -43.93 -5.60
C ALA C 49 3.70 -43.32 -5.16
N ALA C 50 3.16 -42.43 -6.00
CA ALA C 50 1.86 -41.73 -5.77
C ALA C 50 1.01 -41.86 -7.04
N ILE C 51 -0.31 -41.92 -6.88
CA ILE C 51 -1.26 -41.90 -8.03
C ILE C 51 -2.40 -40.93 -7.71
N ARG C 52 -2.70 -40.03 -8.66
CA ARG C 52 -3.90 -39.17 -8.59
C ARG C 52 -5.11 -40.06 -8.91
N TRP C 53 -6.08 -40.09 -7.97
CA TRP C 53 -7.31 -40.92 -8.02
C TRP C 53 -8.13 -40.60 -9.29
N SER C 54 -8.43 -39.31 -9.54
CA SER C 54 -8.98 -38.83 -10.83
C SER C 54 -7.80 -38.69 -11.80
N GLY C 55 -7.88 -39.34 -12.97
CA GLY C 55 -6.85 -39.25 -14.03
C GLY C 55 -5.95 -40.46 -14.03
N GLY C 56 -5.41 -40.82 -12.87
CA GLY C 56 -4.63 -42.06 -12.68
C GLY C 56 -3.15 -41.90 -12.97
N SER C 57 -2.69 -40.66 -13.20
CA SER C 57 -1.26 -40.34 -13.42
C SER C 57 -0.42 -40.71 -12.20
N ALA C 58 0.78 -41.27 -12.43
CA ALA C 58 1.71 -41.79 -11.40
C ALA C 58 3.01 -40.96 -11.34
N TYR C 59 3.49 -40.72 -10.11
CA TYR C 59 4.85 -40.23 -9.81
C TYR C 59 5.58 -41.30 -8.97
N TYR C 60 6.84 -41.57 -9.31
CA TYR C 60 7.71 -42.60 -8.68
C TYR C 60 8.99 -41.93 -8.17
N ALA C 61 9.55 -42.43 -7.06
CA ALA C 61 10.93 -42.11 -6.59
C ALA C 61 11.92 -42.70 -7.60
N ASP C 62 13.13 -42.15 -7.67
CA ASP C 62 14.12 -42.54 -8.70
C ASP C 62 14.58 -43.98 -8.44
N SER C 63 14.53 -44.45 -7.19
CA SER C 63 15.07 -45.77 -6.77
C SER C 63 14.22 -46.93 -7.32
N VAL C 64 12.92 -46.71 -7.61
CA VAL C 64 11.98 -47.79 -8.05
C VAL C 64 11.56 -47.58 -9.50
N LYS C 65 11.86 -46.43 -10.08
CA LYS C 65 11.37 -46.03 -11.43
C LYS C 65 11.76 -47.13 -12.44
N GLY C 66 10.79 -47.57 -13.24
CA GLY C 66 10.97 -48.61 -14.28
C GLY C 66 10.88 -50.03 -13.72
N ARG C 67 10.82 -50.21 -12.41
CA ARG C 67 10.70 -51.55 -11.77
C ARG C 67 9.30 -51.73 -11.18
N PHE C 68 8.69 -50.62 -10.72
CA PHE C 68 7.42 -50.62 -9.94
C PHE C 68 6.32 -49.89 -10.74
N THR C 69 5.10 -50.41 -10.72
CA THR C 69 3.89 -49.76 -11.31
C THR C 69 2.83 -49.55 -10.22
N ILE C 70 2.53 -48.29 -9.89
CA ILE C 70 1.34 -47.95 -9.07
C ILE C 70 0.15 -47.88 -10.03
N SER C 71 -1.02 -48.32 -9.57
CA SER C 71 -2.29 -48.34 -10.33
C SER C 71 -3.43 -48.46 -9.32
N ARG C 72 -4.65 -48.08 -9.70
CA ARG C 72 -5.82 -48.15 -8.78
C ARG C 72 -7.06 -48.56 -9.56
N ASP C 73 -8.06 -49.09 -8.84
CA ASP C 73 -9.39 -49.47 -9.37
C ASP C 73 -10.43 -48.62 -8.60
N LYS C 74 -10.94 -47.55 -9.22
CA LYS C 74 -11.92 -46.60 -8.60
C LYS C 74 -13.13 -47.38 -8.09
N ALA C 75 -13.65 -48.28 -8.94
CA ALA C 75 -14.81 -49.17 -8.66
C ALA C 75 -14.53 -49.98 -7.38
N LYS C 76 -13.40 -50.69 -7.30
CA LYS C 76 -13.10 -51.65 -6.20
C LYS C 76 -12.43 -50.92 -5.03
N ASN C 77 -12.13 -49.62 -5.16
CA ASN C 77 -11.58 -48.71 -4.12
C ASN C 77 -10.26 -49.23 -3.57
N THR C 78 -9.30 -49.52 -4.46
CA THR C 78 -8.06 -50.28 -4.17
C THR C 78 -6.91 -49.77 -5.03
N VAL C 79 -5.75 -49.54 -4.42
CA VAL C 79 -4.48 -49.12 -5.09
C VAL C 79 -3.51 -50.31 -5.04
N TYR C 80 -2.80 -50.55 -6.15
CA TYR C 80 -1.91 -51.70 -6.39
C TYR C 80 -0.47 -51.18 -6.49
N LEU C 81 0.51 -51.96 -6.04
CA LEU C 81 1.95 -51.70 -6.29
C LEU C 81 2.60 -52.97 -6.87
N GLN C 82 2.86 -52.95 -8.18
CA GLN C 82 3.46 -54.08 -8.93
C GLN C 82 4.97 -53.93 -8.80
N MET C 83 5.58 -54.72 -7.91
CA MET C 83 7.03 -54.68 -7.63
C MET C 83 7.70 -55.78 -8.47
N ASN C 84 8.44 -55.40 -9.51
CA ASN C 84 9.21 -56.32 -10.38
C ASN C 84 10.69 -56.05 -10.15
N SER C 85 11.54 -57.03 -10.50
CA SER C 85 13.02 -56.93 -10.37
C SER C 85 13.36 -56.47 -8.96
N LEU C 86 12.80 -57.14 -7.94
CA LEU C 86 13.06 -56.85 -6.50
C LEU C 86 14.58 -56.86 -6.24
N LYS C 87 15.07 -55.97 -5.37
CA LYS C 87 16.49 -55.89 -4.94
C LYS C 87 16.53 -55.86 -3.41
N TYR C 88 17.73 -55.96 -2.82
CA TYR C 88 17.93 -55.96 -1.35
C TYR C 88 17.38 -54.65 -0.77
N GLU C 89 17.68 -53.52 -1.43
CA GLU C 89 17.26 -52.14 -1.05
C GLU C 89 15.73 -52.06 -0.88
N ASP C 90 14.97 -52.93 -1.56
CA ASP C 90 13.48 -52.95 -1.55
C ASP C 90 12.96 -53.44 -0.19
N THR C 91 13.66 -54.37 0.45
CA THR C 91 13.30 -54.91 1.78
C THR C 91 12.98 -53.77 2.75
N ALA C 92 11.80 -53.85 3.37
CA ALA C 92 11.22 -52.79 4.21
C ALA C 92 9.76 -53.15 4.52
N VAL C 93 9.18 -52.41 5.46
CA VAL C 93 7.71 -52.35 5.66
C VAL C 93 7.14 -51.33 4.66
N TYR C 94 6.14 -51.72 3.89
CA TYR C 94 5.42 -50.85 2.92
C TYR C 94 4.13 -50.36 3.57
N TYR C 95 3.89 -49.05 3.50
CA TYR C 95 2.66 -48.37 3.94
C TYR C 95 1.94 -47.79 2.72
N CYS C 96 0.64 -48.00 2.56
CA CYS C 96 -0.19 -47.15 1.66
C CYS C 96 -0.74 -45.97 2.48
N ALA C 97 -1.06 -44.89 1.79
CA ALA C 97 -1.50 -43.64 2.43
C ALA C 97 -2.51 -42.94 1.52
N GLN C 98 -3.42 -42.18 2.11
CA GLN C 98 -4.47 -41.42 1.39
C GLN C 98 -4.41 -39.96 1.87
N THR C 99 -4.65 -39.03 0.94
CA THR C 99 -4.84 -37.59 1.23
C THR C 99 -6.09 -37.16 0.49
N ARG C 100 -6.85 -36.24 1.08
CA ARG C 100 -8.06 -35.65 0.47
C ARG C 100 -7.65 -34.38 -0.30
N VAL C 101 -6.35 -34.12 -0.41
CA VAL C 101 -5.76 -32.82 -0.83
C VAL C 101 -5.37 -32.91 -2.30
N THR C 102 -5.85 -31.96 -3.12
CA THR C 102 -5.57 -31.84 -4.57
C THR C 102 -4.39 -30.90 -4.71
N ARG C 103 -3.28 -31.43 -5.22
CA ARG C 103 -2.06 -30.67 -5.54
C ARG C 103 -1.86 -30.72 -7.05
N SER C 104 -1.64 -29.57 -7.67
CA SER C 104 -1.55 -29.38 -9.14
C SER C 104 -0.33 -30.15 -9.67
N LEU C 105 0.80 -29.98 -9.00
CA LEU C 105 2.10 -30.63 -9.31
C LEU C 105 2.13 -32.02 -8.65
N LEU C 106 1.96 -33.09 -9.44
CA LEU C 106 1.90 -34.51 -8.96
C LEU C 106 3.12 -34.83 -8.09
N SER C 107 4.28 -34.24 -8.38
CA SER C 107 5.54 -34.38 -7.60
C SER C 107 5.33 -33.97 -6.13
N ASP C 108 4.47 -33.00 -5.84
CA ASP C 108 4.13 -32.58 -4.45
C ASP C 108 3.86 -33.81 -3.57
N TYR C 109 3.30 -34.87 -4.15
CA TYR C 109 2.80 -36.05 -3.39
C TYR C 109 3.96 -36.89 -2.84
N ALA C 110 5.18 -36.60 -3.26
CA ALA C 110 6.43 -37.21 -2.72
C ALA C 110 6.71 -36.69 -1.31
N THR C 111 6.43 -35.40 -1.07
CA THR C 111 6.89 -34.64 0.13
C THR C 111 5.70 -34.22 1.00
N TRP C 112 4.48 -34.30 0.49
CA TRP C 112 3.28 -33.72 1.17
C TRP C 112 2.72 -34.70 2.20
N PRO C 113 2.53 -34.27 3.46
CA PRO C 113 1.91 -35.12 4.48
C PRO C 113 0.51 -35.66 4.11
N TYR C 114 0.39 -37.00 4.08
CA TYR C 114 -0.85 -37.74 3.79
C TYR C 114 -1.73 -37.74 5.04
N ASP C 115 -3.02 -38.04 4.90
CA ASP C 115 -4.07 -37.88 5.95
C ASP C 115 -4.22 -39.19 6.74
N TYR C 116 -4.12 -40.35 6.09
CA TYR C 116 -4.34 -41.68 6.71
C TYR C 116 -3.34 -42.69 6.16
N TRP C 117 -3.00 -43.67 7.01
CA TRP C 117 -1.90 -44.66 6.83
C TRP C 117 -2.43 -46.06 7.12
N GLY C 118 -1.95 -47.06 6.43
CA GLY C 118 -2.18 -48.46 6.84
C GLY C 118 -1.24 -48.87 7.97
N GLN C 119 -1.47 -50.04 8.54
CA GLN C 119 -0.59 -50.62 9.59
C GLN C 119 0.73 -51.03 8.94
N GLY C 120 0.69 -51.39 7.65
CA GLY C 120 1.86 -51.79 6.85
C GLY C 120 1.89 -53.29 6.58
N THR C 121 2.60 -53.69 5.53
CA THR C 121 2.86 -55.10 5.14
C THR C 121 4.38 -55.24 4.93
N GLN C 122 4.99 -56.28 5.50
CA GLN C 122 6.45 -56.52 5.45
C GLN C 122 6.78 -57.17 4.12
N VAL C 123 7.80 -56.62 3.43
CA VAL C 123 8.43 -57.21 2.22
C VAL C 123 9.88 -57.56 2.60
N THR C 124 10.34 -58.71 2.14
CA THR C 124 11.70 -59.27 2.43
C THR C 124 12.22 -59.98 1.17
N VAL C 125 13.39 -59.54 0.70
CA VAL C 125 14.00 -59.93 -0.60
C VAL C 125 15.21 -60.83 -0.30
N SER C 126 15.08 -62.14 -0.54
CA SER C 126 16.07 -63.21 -0.21
C SER C 126 17.40 -62.98 -0.95
N SER C 127 18.48 -63.42 -0.30
CA SER C 127 19.84 -63.60 -0.86
C SER C 127 19.82 -64.93 -1.62
N LYS C 128 18.92 -65.02 -2.61
CA LYS C 128 18.60 -66.22 -3.43
C LYS C 128 18.67 -67.49 -2.56
N THR D 4 43.65 9.59 14.98
CA THR D 4 43.15 9.29 16.37
C THR D 4 41.96 10.22 16.74
N ASN D 5 41.92 11.43 16.17
CA ASN D 5 40.81 12.42 16.32
C ASN D 5 39.60 11.97 15.49
N LEU D 6 38.42 11.91 16.11
CA LEU D 6 37.18 11.37 15.47
C LEU D 6 36.65 12.38 14.46
N CYS D 7 35.92 11.90 13.45
CA CYS D 7 35.27 12.77 12.43
C CYS D 7 34.15 13.51 13.13
N PRO D 8 33.94 14.80 12.82
CA PRO D 8 32.99 15.65 13.55
C PRO D 8 31.51 15.42 13.23
N PHE D 9 31.05 14.17 13.26
CA PHE D 9 29.64 13.78 12.99
C PHE D 9 28.69 14.53 13.94
N GLY D 10 29.08 14.72 15.20
CA GLY D 10 28.32 15.51 16.17
C GLY D 10 27.99 16.89 15.64
N GLU D 11 28.97 17.61 15.06
CA GLU D 11 28.77 19.00 14.54
C GLU D 11 27.59 19.00 13.56
N VAL D 12 27.43 17.92 12.80
CA VAL D 12 26.46 17.77 11.68
C VAL D 12 25.08 17.41 12.25
N PHE D 13 25.03 16.28 12.97
CA PHE D 13 23.82 15.60 13.47
C PHE D 13 23.15 16.41 14.58
N ASN D 14 23.95 16.98 15.48
CA ASN D 14 23.50 17.70 16.71
C ASN D 14 23.48 19.21 16.48
N ALA D 15 23.69 19.69 15.26
CA ALA D 15 23.60 21.13 14.89
C ALA D 15 22.26 21.69 15.38
N THR D 16 22.27 22.85 16.01
CA THR D 16 21.04 23.50 16.54
C THR D 16 20.15 23.86 15.34
N ARG D 17 20.73 24.47 14.29
CA ARG D 17 19.99 24.90 13.07
C ARG D 17 20.26 23.95 11.91
N PHE D 18 19.23 23.66 11.12
CA PHE D 18 19.33 22.85 9.89
C PHE D 18 18.90 23.70 8.69
N ALA D 19 19.46 23.37 7.52
CA ALA D 19 19.22 24.11 6.27
C ALA D 19 17.84 23.74 5.71
N SER D 20 17.18 24.68 5.03
CA SER D 20 16.04 24.35 4.15
C SER D 20 16.56 23.38 3.09
N VAL D 21 15.75 22.41 2.72
CA VAL D 21 16.15 21.41 1.69
C VAL D 21 16.58 22.11 0.40
N TYR D 22 15.91 23.18 -0.07
CA TYR D 22 16.26 23.82 -1.38
C TYR D 22 17.69 24.35 -1.34
N ALA D 23 18.13 24.82 -0.17
CA ALA D 23 19.47 25.41 0.10
C ALA D 23 20.22 24.51 1.06
N TRP D 24 20.09 23.20 0.85
CA TRP D 24 20.71 22.12 1.66
C TRP D 24 22.19 22.42 1.93
N ASN D 25 22.69 21.86 3.02
CA ASN D 25 24.05 22.11 3.55
C ASN D 25 25.01 20.95 3.24
N ARG D 26 26.30 21.26 3.00
CA ARG D 26 27.45 20.32 2.80
C ARG D 26 28.53 20.53 3.86
N LYS D 27 28.99 19.48 4.51
CA LYS D 27 30.20 19.54 5.34
C LYS D 27 31.16 18.52 4.75
N ARG D 28 32.32 18.98 4.28
CA ARG D 28 33.40 18.09 3.84
C ARG D 28 34.03 17.52 5.13
N ILE D 29 34.18 16.21 5.17
CA ILE D 29 34.82 15.48 6.30
C ILE D 29 36.01 14.74 5.72
N SER D 30 37.22 15.06 6.18
CA SER D 30 38.48 14.37 5.78
C SER D 30 39.47 14.34 6.94
N ASN D 31 40.52 13.54 6.78
CA ASN D 31 41.68 13.45 7.70
C ASN D 31 41.12 13.21 9.10
N CYS D 32 40.45 12.08 9.30
CA CYS D 32 39.91 11.73 10.63
C CYS D 32 39.44 10.28 10.64
N VAL D 33 39.35 9.70 11.82
CA VAL D 33 38.78 8.35 12.04
C VAL D 33 37.26 8.48 12.06
N ALA D 34 36.57 7.69 11.26
CA ALA D 34 35.09 7.60 11.19
C ALA D 34 34.58 6.47 12.08
N ASP D 35 34.25 6.75 13.35
CA ASP D 35 33.61 5.74 14.23
C ASP D 35 32.10 5.90 14.09
N TYR D 36 31.45 4.97 13.38
CA TYR D 36 29.98 4.98 13.14
C TYR D 36 29.23 4.53 14.40
N SER D 37 29.95 4.04 15.42
CA SER D 37 29.32 3.55 16.68
C SER D 37 28.66 4.72 17.42
N VAL D 38 29.12 5.95 17.16
CA VAL D 38 28.49 7.16 17.77
C VAL D 38 27.06 7.29 17.22
N LEU D 39 26.86 6.92 15.95
CA LEU D 39 25.53 6.86 15.29
C LEU D 39 24.80 5.58 15.67
N TYR D 40 25.42 4.40 15.54
CA TYR D 40 24.83 3.11 15.96
C TYR D 40 24.20 3.24 17.36
N ASN D 41 24.78 4.05 18.24
CA ASN D 41 24.32 4.22 19.65
C ASN D 41 23.49 5.51 19.77
N SER D 42 22.64 5.79 18.79
CA SER D 42 21.41 6.59 18.99
C SER D 42 20.26 5.84 18.32
N ALA D 43 19.68 4.85 19.01
CA ALA D 43 18.51 4.03 18.56
C ALA D 43 17.26 4.93 18.46
N SER D 44 17.45 6.14 17.94
CA SER D 44 16.47 7.25 17.97
C SER D 44 16.21 7.77 16.54
N PHE D 45 16.82 7.16 15.52
CA PHE D 45 16.69 7.54 14.09
C PHE D 45 15.51 6.76 13.48
N SER D 46 14.69 7.39 12.63
CA SER D 46 13.50 6.70 12.05
C SER D 46 13.94 5.86 10.84
N THR D 47 14.95 6.27 10.09
CA THR D 47 15.58 5.44 9.04
C THR D 47 17.10 5.64 9.07
N PHE D 48 17.85 4.60 8.71
CA PHE D 48 19.34 4.56 8.63
C PHE D 48 19.67 3.44 7.64
N LYS D 49 19.88 3.82 6.38
CA LYS D 49 20.14 2.89 5.27
C LYS D 49 21.43 3.29 4.58
N CYS D 50 22.21 2.31 4.14
CA CYS D 50 23.37 2.54 3.23
C CYS D 50 23.10 1.91 1.86
N TYR D 51 23.75 2.47 0.84
CA TYR D 51 23.64 2.08 -0.58
C TYR D 51 25.08 1.93 -1.08
N GLY D 52 25.41 0.79 -1.69
CA GLY D 52 26.76 0.50 -2.18
C GLY D 52 27.58 -0.25 -1.15
N VAL D 53 27.37 -0.01 0.13
CA VAL D 53 28.13 -0.67 1.23
C VAL D 53 27.11 -1.19 2.25
N SER D 54 27.41 -2.33 2.87
CA SER D 54 26.65 -2.85 4.03
C SER D 54 27.00 -1.98 5.22
N PRO D 55 26.04 -1.54 6.06
CA PRO D 55 26.37 -0.74 7.24
C PRO D 55 27.22 -1.48 8.28
N THR D 56 27.31 -2.80 8.18
CA THR D 56 28.20 -3.62 9.03
C THR D 56 29.67 -3.42 8.62
N LYS D 57 29.96 -2.86 7.44
CA LYS D 57 31.35 -2.81 6.91
C LYS D 57 31.92 -1.40 7.09
N LEU D 58 31.09 -0.41 7.43
CA LEU D 58 31.48 1.02 7.58
C LEU D 58 32.79 1.19 8.36
N ASN D 59 32.97 0.41 9.44
CA ASN D 59 34.13 0.54 10.34
C ASN D 59 35.36 -0.16 9.74
N ASP D 60 35.19 -1.00 8.71
CA ASP D 60 36.32 -1.69 8.05
C ASP D 60 36.76 -0.95 6.78
N LEU D 61 36.18 0.20 6.46
CA LEU D 61 36.37 0.82 5.12
C LEU D 61 37.09 2.16 5.21
N CYS D 62 37.84 2.46 4.15
CA CYS D 62 38.53 3.76 3.95
C CYS D 62 37.97 4.49 2.73
N PHE D 63 37.85 5.81 2.80
CA PHE D 63 37.34 6.69 1.70
C PHE D 63 38.25 7.92 1.56
N THR D 64 38.28 8.53 0.38
CA THR D 64 39.21 9.66 0.10
C THR D 64 38.60 10.90 0.77
N ASN D 65 37.28 11.03 0.74
CA ASN D 65 36.54 12.01 1.58
C ASN D 65 35.14 11.52 1.88
N VAL D 66 34.49 12.17 2.83
CA VAL D 66 33.05 11.97 3.12
C VAL D 66 32.39 13.35 3.09
N TYR D 67 31.21 13.44 2.50
CA TYR D 67 30.40 14.68 2.44
C TYR D 67 29.15 14.42 3.27
N ALA D 68 28.78 15.37 4.13
CA ALA D 68 27.59 15.29 5.01
C ALA D 68 26.63 16.43 4.65
N ASP D 69 25.64 16.06 3.84
CA ASP D 69 24.53 16.92 3.38
C ASP D 69 23.44 16.80 4.43
N SER D 70 22.83 17.93 4.81
CA SER D 70 21.82 18.00 5.90
C SER D 70 20.77 19.04 5.54
N PHE D 71 19.52 18.77 5.92
CA PHE D 71 18.36 19.65 5.63
C PHE D 71 17.12 19.05 6.30
N VAL D 72 16.01 19.79 6.19
CA VAL D 72 14.68 19.47 6.77
C VAL D 72 13.66 19.37 5.64
N ILE D 73 12.84 18.32 5.68
CA ILE D 73 11.67 18.05 4.79
C ILE D 73 10.53 17.50 5.65
N ARG D 74 9.33 17.38 5.08
CA ARG D 74 8.16 16.67 5.66
C ARG D 74 8.38 15.16 5.74
N GLY D 75 7.65 14.51 6.63
CA GLY D 75 7.65 13.05 6.77
C GLY D 75 7.43 12.34 5.45
N ASP D 76 6.34 12.64 4.76
CA ASP D 76 5.94 11.93 3.52
C ASP D 76 7.12 11.94 2.52
N GLU D 77 8.02 12.93 2.58
CA GLU D 77 9.08 13.16 1.54
C GLU D 77 10.38 12.41 1.87
N VAL D 78 10.48 11.68 2.98
CA VAL D 78 11.77 11.03 3.40
C VAL D 78 12.07 9.86 2.44
N ARG D 79 11.04 9.20 1.93
CA ARG D 79 11.09 8.17 0.85
C ARG D 79 11.97 8.66 -0.29
N GLN D 80 11.93 9.96 -0.57
CA GLN D 80 12.56 10.56 -1.77
C GLN D 80 14.08 10.67 -1.64
N ILE D 81 14.63 10.62 -0.41
CA ILE D 81 16.09 10.70 -0.19
C ILE D 81 16.68 9.29 -0.29
N ALA D 82 16.69 8.78 -1.53
CA ALA D 82 17.14 7.44 -1.93
C ALA D 82 17.48 7.43 -3.41
N PRO D 83 18.34 6.53 -3.87
CA PRO D 83 18.51 6.32 -5.29
C PRO D 83 17.18 5.89 -5.91
N GLY D 84 16.90 6.36 -7.13
CA GLY D 84 15.77 5.99 -7.99
C GLY D 84 14.47 6.65 -7.58
N GLN D 85 14.47 7.75 -6.83
CA GLN D 85 13.20 8.39 -6.41
C GLN D 85 12.89 9.61 -7.27
N THR D 86 11.60 10.00 -7.37
CA THR D 86 11.07 11.27 -7.99
C THR D 86 10.06 11.95 -7.05
N GLY D 87 9.64 13.20 -7.33
CA GLY D 87 8.74 13.99 -6.45
C GLY D 87 9.29 15.37 -6.19
N LYS D 88 8.58 16.29 -5.51
CA LYS D 88 9.04 17.71 -5.42
C LYS D 88 10.50 17.68 -4.92
N ILE D 89 10.82 16.82 -3.96
CA ILE D 89 12.15 16.91 -3.29
C ILE D 89 13.22 16.36 -4.23
N ALA D 90 13.10 15.11 -4.65
CA ALA D 90 14.05 14.45 -5.57
C ALA D 90 14.23 15.31 -6.84
N ASP D 91 13.14 15.88 -7.34
CA ASP D 91 13.13 16.54 -8.67
C ASP D 91 13.67 17.95 -8.54
N TYR D 92 13.31 18.74 -7.54
CA TYR D 92 13.56 20.20 -7.53
C TYR D 92 14.43 20.67 -6.33
N ASN D 93 14.75 19.79 -5.39
CA ASN D 93 15.40 20.21 -4.13
C ASN D 93 16.73 19.49 -3.86
N TYR D 94 16.70 18.16 -3.73
CA TYR D 94 17.90 17.36 -3.35
C TYR D 94 17.82 16.02 -4.08
N LYS D 95 18.76 15.77 -4.99
CA LYS D 95 18.72 14.58 -5.85
C LYS D 95 19.88 13.62 -5.53
N LEU D 96 19.63 12.42 -5.04
CA LEU D 96 20.70 11.40 -4.99
C LEU D 96 20.85 10.72 -6.33
N PRO D 97 22.08 10.34 -6.69
CA PRO D 97 22.31 9.59 -7.93
C PRO D 97 21.73 8.18 -7.79
N ASP D 98 21.37 7.53 -8.90
CA ASP D 98 20.93 6.11 -8.91
C ASP D 98 22.07 5.22 -8.44
N ASP D 99 23.34 5.57 -8.68
CA ASP D 99 24.53 4.75 -8.32
C ASP D 99 25.19 5.35 -7.06
N PHE D 100 24.39 5.96 -6.20
CA PHE D 100 24.83 6.47 -4.89
C PHE D 100 25.49 5.37 -4.03
N THR D 101 26.63 5.73 -3.44
CA THR D 101 27.34 5.00 -2.38
C THR D 101 27.42 5.89 -1.14
N GLY D 102 26.73 5.51 -0.07
CA GLY D 102 26.67 6.28 1.18
C GLY D 102 25.43 5.89 1.97
N CYS D 103 25.09 6.66 3.01
CA CYS D 103 23.97 6.35 3.91
C CYS D 103 23.05 7.56 4.02
N VAL D 104 21.77 7.30 4.20
CA VAL D 104 20.74 8.32 4.51
C VAL D 104 20.15 8.01 5.87
N ILE D 105 20.23 9.00 6.74
CA ILE D 105 19.72 8.93 8.14
C ILE D 105 18.76 10.08 8.32
N ALA D 106 17.59 9.75 8.86
CA ALA D 106 16.56 10.75 9.18
C ALA D 106 15.94 10.44 10.55
N TRP D 107 15.43 11.50 11.16
CA TRP D 107 14.69 11.42 12.43
C TRP D 107 13.62 12.52 12.47
N ASN D 108 12.51 12.19 13.08
CA ASN D 108 11.41 13.13 13.37
C ASN D 108 11.93 14.24 14.28
N SER D 109 11.69 15.50 13.93
CA SER D 109 12.22 16.67 14.64
C SER D 109 11.06 17.55 15.06
N ASN D 110 9.87 16.98 15.23
CA ASN D 110 8.64 17.74 15.57
C ASN D 110 8.91 18.53 16.83
N ASN D 111 9.50 17.88 17.84
CA ASN D 111 9.84 18.48 19.15
C ASN D 111 10.68 19.76 18.95
N LEU D 112 11.57 19.84 17.94
CA LEU D 112 12.45 21.04 17.70
C LEU D 112 11.90 21.96 16.59
N ASP D 113 11.42 21.41 15.47
CA ASP D 113 11.27 22.18 14.20
C ASP D 113 9.83 22.68 14.00
N SER D 114 8.89 22.33 14.88
CA SER D 114 7.49 22.84 14.82
C SER D 114 7.18 23.72 16.03
N LYS D 115 6.81 24.98 15.83
CA LYS D 115 6.33 25.90 16.89
C LYS D 115 4.80 25.82 16.93
N VAL D 116 4.14 26.32 17.98
CA VAL D 116 2.64 26.32 18.06
C VAL D 116 2.04 27.27 17.02
N GLY D 117 2.48 28.52 16.90
CA GLY D 117 1.95 29.40 15.83
C GLY D 117 2.20 28.84 14.43
N GLY D 118 2.79 27.64 14.33
CA GLY D 118 3.42 27.12 13.10
C GLY D 118 4.81 27.68 12.91
N ASN D 119 5.76 26.85 12.45
CA ASN D 119 7.11 27.26 11.96
C ASN D 119 7.12 27.20 10.42
N TYR D 120 7.32 28.37 9.82
CA TYR D 120 7.20 28.60 8.35
C TYR D 120 8.56 29.02 7.77
N ASN D 121 9.65 28.79 8.50
CA ASN D 121 11.01 29.25 8.09
C ASN D 121 11.63 28.26 7.10
N TYR D 122 11.33 26.97 7.24
CA TYR D 122 11.86 25.96 6.30
C TYR D 122 11.13 26.11 4.97
N LEU D 123 11.87 26.30 3.86
CA LEU D 123 11.30 26.40 2.49
C LEU D 123 11.68 25.19 1.65
N TYR D 124 10.91 24.95 0.58
CA TYR D 124 11.22 24.01 -0.53
C TYR D 124 10.93 24.70 -1.86
N ARG D 125 11.56 24.19 -2.91
CA ARG D 125 11.30 24.62 -4.30
C ARG D 125 10.11 23.84 -4.80
N LEU D 126 9.12 24.56 -5.37
CA LEU D 126 7.82 24.05 -5.86
C LEU D 126 7.81 23.92 -7.39
N PHE D 127 8.56 24.78 -8.09
CA PHE D 127 8.59 24.91 -9.56
C PHE D 127 10.04 25.01 -10.06
N ARG D 128 10.32 24.36 -11.18
CA ARG D 128 11.64 24.47 -11.83
C ARG D 128 11.47 24.13 -13.30
N LYS D 129 12.20 24.82 -14.19
CA LYS D 129 12.16 24.52 -15.66
C LYS D 129 12.60 23.08 -15.92
N SER D 130 13.36 22.44 -15.03
CA SER D 130 13.85 21.06 -15.24
C SER D 130 14.33 20.43 -13.92
N ASN D 131 14.50 19.11 -13.89
CA ASN D 131 14.93 18.38 -12.67
C ASN D 131 16.40 18.66 -12.38
N LEU D 132 16.80 18.52 -11.13
CA LEU D 132 18.21 18.67 -10.68
C LEU D 132 19.01 17.48 -11.17
N LYS D 133 20.24 17.72 -11.59
CA LYS D 133 21.29 16.68 -11.72
C LYS D 133 21.55 16.20 -10.30
N PRO D 134 22.11 14.98 -10.09
CA PRO D 134 22.45 14.54 -8.74
C PRO D 134 23.37 15.55 -8.05
N PHE D 135 23.10 15.84 -6.78
CA PHE D 135 23.84 16.77 -5.89
C PHE D 135 23.85 18.17 -6.48
N GLU D 136 23.02 18.49 -7.47
CA GLU D 136 22.84 19.90 -7.94
C GLU D 136 22.08 20.62 -6.83
N ARG D 137 22.27 21.92 -6.73
CA ARG D 137 21.69 22.78 -5.68
C ARG D 137 21.33 24.12 -6.31
N ASP D 138 20.08 24.51 -6.26
CA ASP D 138 19.54 25.75 -6.87
C ASP D 138 19.00 26.62 -5.73
N ILE D 139 19.55 27.81 -5.52
CA ILE D 139 19.07 28.73 -4.46
C ILE D 139 18.53 30.01 -5.10
N SER D 140 18.17 29.94 -6.39
CA SER D 140 17.65 31.11 -7.16
C SER D 140 16.22 31.39 -6.74
N THR D 141 15.80 32.64 -6.87
CA THR D 141 14.42 33.10 -6.62
C THR D 141 13.93 33.83 -7.87
N GLU D 142 14.36 33.34 -9.05
CA GLU D 142 13.85 33.80 -10.37
C GLU D 142 12.37 33.39 -10.43
N ILE D 143 11.52 34.39 -10.70
CA ILE D 143 10.07 34.17 -10.91
C ILE D 143 9.95 33.08 -11.98
N TYR D 144 9.13 32.08 -11.73
CA TYR D 144 8.96 30.89 -12.59
C TYR D 144 7.88 31.16 -13.64
N GLN D 145 8.23 30.98 -14.92
CA GLN D 145 7.32 31.21 -16.06
C GLN D 145 6.62 29.88 -16.38
N ALA D 146 5.37 29.74 -15.94
CA ALA D 146 4.55 28.52 -16.11
C ALA D 146 3.90 28.52 -17.51
N GLY D 147 3.57 29.69 -18.04
CA GLY D 147 2.65 29.78 -19.19
C GLY D 147 3.29 30.20 -20.49
N SER D 148 2.44 30.53 -21.46
CA SER D 148 2.77 31.01 -22.83
C SER D 148 3.73 32.21 -22.76
N THR D 149 3.50 33.18 -21.87
CA THR D 149 4.13 34.55 -21.95
C THR D 149 5.19 34.70 -20.88
N PRO D 150 6.25 35.52 -21.13
CA PRO D 150 7.34 35.72 -20.18
C PRO D 150 6.97 36.67 -19.02
N CYS D 151 7.77 36.65 -17.96
CA CYS D 151 7.40 37.18 -16.62
C CYS D 151 8.06 38.54 -16.37
N ASN D 152 9.34 38.70 -16.73
CA ASN D 152 10.16 39.93 -16.50
C ASN D 152 10.30 40.18 -15.00
N GLY D 153 10.53 39.12 -14.21
CA GLY D 153 10.69 39.15 -12.75
C GLY D 153 9.47 39.68 -12.01
N VAL D 154 8.32 39.88 -12.68
CA VAL D 154 7.04 40.31 -12.03
C VAL D 154 6.08 39.11 -11.99
N GLU D 155 5.45 38.94 -10.83
CA GLU D 155 4.56 37.80 -10.48
C GLU D 155 3.14 38.11 -10.95
N GLY D 156 2.34 37.06 -11.19
CA GLY D 156 0.93 37.17 -11.59
C GLY D 156 0.41 35.84 -12.13
N PHE D 157 -0.41 35.89 -13.18
CA PHE D 157 -1.02 34.71 -13.84
C PHE D 157 0.11 33.94 -14.53
N ASN D 158 0.27 32.66 -14.22
CA ASN D 158 1.32 31.77 -14.79
C ASN D 158 2.71 32.38 -14.57
N CYS D 159 2.87 33.24 -13.56
CA CYS D 159 4.18 33.81 -13.14
C CYS D 159 4.29 33.74 -11.62
N TYR D 160 5.02 32.75 -11.08
CA TYR D 160 4.98 32.33 -9.66
C TYR D 160 6.34 32.50 -8.99
N PHE D 161 6.32 32.76 -7.68
CA PHE D 161 7.52 32.67 -6.82
C PHE D 161 7.83 31.18 -6.66
N PRO D 162 9.09 30.75 -6.88
CA PRO D 162 9.41 29.33 -6.99
C PRO D 162 9.48 28.57 -5.66
N LEU D 163 9.62 29.29 -4.53
CA LEU D 163 9.74 28.68 -3.18
C LEU D 163 8.42 28.79 -2.41
N GLN D 164 8.24 27.93 -1.41
CA GLN D 164 7.06 27.94 -0.52
C GLN D 164 7.45 27.38 0.86
N SER D 165 6.90 27.94 1.92
CA SER D 165 7.16 27.48 3.31
C SER D 165 6.52 26.11 3.52
N TYR D 166 7.25 25.17 4.13
CA TYR D 166 6.64 24.12 4.96
C TYR D 166 5.96 24.84 6.13
N GLY D 167 4.75 24.40 6.49
CA GLY D 167 4.08 24.81 7.72
C GLY D 167 4.18 23.71 8.76
N PHE D 168 5.19 23.75 9.63
CA PHE D 168 5.36 22.76 10.72
C PHE D 168 4.60 23.24 11.96
N GLN D 169 3.43 22.64 12.17
CA GLN D 169 2.55 22.78 13.36
C GLN D 169 2.69 21.49 14.16
N PRO D 170 2.73 21.54 15.51
CA PRO D 170 2.85 20.31 16.31
C PRO D 170 1.61 19.43 16.17
N THR D 171 0.48 20.00 15.74
CA THR D 171 -0.79 19.25 15.47
C THR D 171 -0.68 18.38 14.21
N ASN D 172 0.33 18.58 13.36
CA ASN D 172 0.39 17.97 12.00
C ASN D 172 0.42 16.45 12.09
N GLY D 173 -0.13 15.79 11.07
CA GLY D 173 0.09 14.35 10.88
C GLY D 173 1.56 14.08 10.63
N VAL D 174 2.01 12.89 10.99
CA VAL D 174 3.42 12.44 10.77
C VAL D 174 3.91 12.88 9.38
N GLY D 175 3.13 12.64 8.33
CA GLY D 175 3.57 12.95 6.96
C GLY D 175 3.79 14.43 6.74
N TYR D 176 3.27 15.27 7.63
CA TYR D 176 3.42 16.75 7.52
C TYR D 176 4.33 17.26 8.64
N GLN D 177 4.95 16.36 9.40
CA GLN D 177 5.92 16.71 10.49
C GLN D 177 7.33 16.83 9.94
N PRO D 178 8.17 17.73 10.50
CA PRO D 178 9.53 17.93 10.02
C PRO D 178 10.40 16.71 10.39
N TYR D 179 11.26 16.33 9.45
CA TYR D 179 12.30 15.30 9.60
C TYR D 179 13.64 15.98 9.27
N ARG D 180 14.63 15.76 10.11
CA ARG D 180 16.02 16.17 9.83
C ARG D 180 16.68 15.02 9.09
N VAL D 181 17.44 15.37 8.06
CA VAL D 181 18.11 14.36 7.21
C VAL D 181 19.59 14.66 7.19
N VAL D 182 20.38 13.61 7.31
CA VAL D 182 21.83 13.62 6.99
C VAL D 182 22.08 12.57 5.93
N VAL D 183 22.79 12.97 4.87
CA VAL D 183 23.27 12.09 3.78
C VAL D 183 24.79 12.06 3.90
N LEU D 184 25.35 10.88 4.16
CA LEU D 184 26.80 10.63 4.06
C LEU D 184 27.14 10.04 2.69
N SER D 185 27.83 10.81 1.83
CA SER D 185 28.39 10.36 0.54
C SER D 185 29.84 9.96 0.77
N PHE D 186 30.16 8.70 0.53
CA PHE D 186 31.53 8.13 0.54
C PHE D 186 32.15 8.24 -0.85
N GLU D 187 33.09 9.15 -1.01
CA GLU D 187 33.81 9.39 -2.27
C GLU D 187 35.11 8.58 -2.27
N LEU D 188 35.32 7.74 -3.29
CA LEU D 188 36.57 6.95 -3.51
C LEU D 188 37.20 7.37 -4.86
N LEU D 189 38.39 7.99 -4.79
CA LEU D 189 39.19 8.48 -5.94
C LEU D 189 40.54 7.77 -5.95
N HIS D 190 41.25 7.85 -7.06
CA HIS D 190 42.61 7.26 -7.22
C HIS D 190 43.58 8.21 -6.48
N ALA D 191 43.50 8.25 -5.15
CA ALA D 191 44.15 9.24 -4.27
C ALA D 191 44.21 8.71 -2.83
N PRO D 192 45.05 9.29 -1.93
CA PRO D 192 45.12 8.83 -0.54
C PRO D 192 43.75 8.84 0.16
N ALA D 193 43.44 7.76 0.88
CA ALA D 193 42.23 7.61 1.73
C ALA D 193 42.45 8.39 3.02
N THR D 194 41.72 9.49 3.25
CA THR D 194 41.89 10.40 4.40
C THR D 194 40.83 10.15 5.48
N VAL D 195 39.88 9.22 5.25
CA VAL D 195 38.80 8.89 6.22
C VAL D 195 38.72 7.37 6.37
N CYS D 196 39.08 6.84 7.53
CA CYS D 196 39.09 5.39 7.81
C CYS D 196 38.28 5.09 9.07
N GLY D 197 37.59 3.95 9.09
CA GLY D 197 37.03 3.40 10.34
C GLY D 197 38.19 3.07 11.28
N PRO D 198 37.91 2.70 12.55
CA PRO D 198 38.95 2.30 13.50
C PRO D 198 39.75 1.04 13.15
N LYS D 199 39.38 0.35 12.05
CA LYS D 199 40.28 -0.55 11.27
C LYS D 199 40.14 -0.24 9.75
N GLN E 1 8.13 0.12 -9.28
CA GLN E 1 6.81 -0.62 -9.39
C GLN E 1 7.08 -2.13 -9.30
N VAL E 2 8.04 -2.52 -8.45
CA VAL E 2 8.38 -3.94 -8.19
C VAL E 2 7.16 -4.60 -7.52
N GLN E 3 6.75 -5.76 -8.02
CA GLN E 3 5.85 -6.69 -7.30
C GLN E 3 6.63 -7.91 -6.89
N LEU E 4 6.34 -8.45 -5.72
CA LEU E 4 7.03 -9.64 -5.17
C LEU E 4 5.99 -10.73 -5.00
N VAL E 5 6.33 -11.95 -5.42
CA VAL E 5 5.39 -13.09 -5.29
C VAL E 5 6.09 -14.26 -4.58
N GLU E 6 5.65 -14.53 -3.36
CA GLU E 6 6.10 -15.69 -2.55
C GLU E 6 5.45 -16.96 -3.12
N SER E 7 6.03 -18.12 -2.81
CA SER E 7 5.52 -19.48 -3.17
C SER E 7 6.30 -20.54 -2.38
N GLY E 8 5.87 -21.79 -2.45
CA GLY E 8 6.47 -22.93 -1.73
C GLY E 8 5.80 -23.19 -0.40
N GLY E 9 4.88 -22.31 0.02
CA GLY E 9 4.09 -22.46 1.25
C GLY E 9 3.19 -23.68 1.20
N GLY E 10 2.84 -24.23 2.35
CA GLY E 10 1.99 -25.42 2.44
C GLY E 10 2.16 -26.15 3.75
N LEU E 11 1.66 -27.37 3.81
CA LEU E 11 1.63 -28.22 5.02
C LEU E 11 2.95 -28.98 5.14
N VAL E 12 3.51 -29.07 6.35
CA VAL E 12 4.76 -29.86 6.56
C VAL E 12 4.79 -30.39 7.99
N GLN E 13 5.37 -31.59 8.16
CA GLN E 13 5.52 -32.31 9.45
C GLN E 13 6.56 -31.57 10.29
N ALA E 14 6.35 -31.42 11.59
CA ALA E 14 7.41 -30.96 12.52
C ALA E 14 8.69 -31.78 12.27
N GLY E 15 9.86 -31.16 12.29
CA GLY E 15 11.14 -31.78 11.92
C GLY E 15 11.43 -31.68 10.42
N GLY E 16 10.39 -31.57 9.59
CA GLY E 16 10.52 -31.49 8.12
C GLY E 16 11.19 -30.21 7.63
N SER E 17 11.31 -30.10 6.30
CA SER E 17 11.97 -28.99 5.56
C SER E 17 11.00 -28.37 4.55
N LEU E 18 11.30 -27.17 4.09
CA LEU E 18 10.45 -26.45 3.12
C LEU E 18 11.21 -25.25 2.58
N ARG E 19 11.26 -25.07 1.27
CA ARG E 19 11.95 -23.91 0.63
C ARG E 19 10.90 -22.95 0.06
N LEU E 20 10.80 -21.75 0.62
CA LEU E 20 10.01 -20.66 0.03
C LEU E 20 10.84 -19.99 -1.04
N ALA E 21 10.18 -19.47 -2.07
CA ALA E 21 10.79 -18.63 -3.11
C ALA E 21 10.00 -17.32 -3.15
N CYS E 22 10.67 -16.25 -3.53
CA CYS E 22 10.03 -14.96 -3.90
C CYS E 22 10.65 -14.48 -5.21
N ILE E 23 9.84 -14.17 -6.20
CA ILE E 23 10.30 -13.62 -7.50
C ILE E 23 9.92 -12.13 -7.52
N ALA E 24 10.82 -11.24 -7.93
CA ALA E 24 10.54 -9.81 -8.18
C ALA E 24 10.33 -9.58 -9.67
N SER E 25 9.28 -8.85 -10.03
CA SER E 25 9.12 -8.21 -11.37
C SER E 25 10.20 -7.14 -11.52
N GLY E 26 10.33 -6.54 -12.70
CA GLY E 26 11.38 -5.55 -13.00
C GLY E 26 12.70 -6.21 -13.37
N ARG E 27 13.71 -5.41 -13.70
CA ARG E 27 15.07 -5.89 -14.07
C ARG E 27 16.08 -5.16 -13.20
N THR E 28 15.78 -5.00 -11.92
CA THR E 28 16.61 -4.25 -10.93
C THR E 28 16.82 -5.07 -9.65
N PHE E 29 16.41 -6.34 -9.65
CA PHE E 29 16.55 -7.27 -8.51
C PHE E 29 17.96 -7.17 -7.89
N HIS E 30 18.97 -6.98 -8.72
CA HIS E 30 20.41 -6.97 -8.34
C HIS E 30 20.65 -5.89 -7.29
N SER E 31 19.89 -4.80 -7.35
CA SER E 31 20.05 -3.59 -6.52
C SER E 31 19.16 -3.64 -5.27
N TYR E 32 18.45 -4.75 -5.04
CA TYR E 32 17.54 -4.90 -3.87
C TYR E 32 18.21 -5.76 -2.80
N VAL E 33 18.23 -5.26 -1.57
CA VAL E 33 18.32 -6.08 -0.33
C VAL E 33 17.00 -6.84 -0.20
N MET E 34 17.06 -8.15 -0.07
CA MET E 34 15.83 -8.99 0.06
C MET E 34 15.76 -9.44 1.50
N ALA E 35 14.55 -9.47 2.05
CA ALA E 35 14.24 -9.94 3.41
C ALA E 35 13.01 -10.89 3.39
N TRP E 36 12.95 -11.75 4.39
CA TRP E 36 11.74 -12.49 4.76
C TRP E 36 11.31 -12.04 6.15
N PHE E 37 10.03 -11.71 6.27
CA PHE E 37 9.33 -11.51 7.56
C PHE E 37 8.25 -12.59 7.67
N ARG E 38 7.70 -12.75 8.86
CA ARG E 38 6.55 -13.67 8.99
C ARG E 38 5.61 -13.12 10.05
N GLN E 39 4.36 -13.57 9.99
CA GLN E 39 3.34 -13.23 11.00
C GLN E 39 2.65 -14.51 11.44
N ALA E 40 2.89 -14.92 12.68
CA ALA E 40 2.26 -16.11 13.29
C ALA E 40 0.92 -15.65 13.84
N PRO E 41 -0.04 -16.56 14.02
CA PRO E 41 -1.33 -16.19 14.61
C PRO E 41 -1.17 -15.39 15.92
N GLY E 42 -1.91 -14.27 16.01
CA GLY E 42 -2.00 -13.34 17.16
C GLY E 42 -0.69 -12.60 17.44
N LYS E 43 0.09 -12.22 16.42
CA LYS E 43 1.41 -11.55 16.60
C LYS E 43 1.66 -10.53 15.49
N GLU E 44 2.68 -9.69 15.65
CA GLU E 44 3.11 -8.67 14.65
C GLU E 44 3.92 -9.38 13.57
N ARG E 45 4.15 -8.70 12.44
CA ARG E 45 5.22 -9.07 11.49
C ARG E 45 6.52 -9.17 12.29
N GLU E 46 7.23 -10.29 12.16
CA GLU E 46 8.50 -10.60 12.84
C GLU E 46 9.56 -10.82 11.76
N PHE E 47 10.75 -10.27 11.95
CA PHE E 47 11.91 -10.43 11.02
C PHE E 47 12.33 -11.89 11.03
N VAL E 48 12.55 -12.50 9.88
CA VAL E 48 13.11 -13.88 9.76
C VAL E 48 14.55 -13.81 9.28
N ALA E 49 14.79 -13.19 8.12
CA ALA E 49 16.13 -13.17 7.49
C ALA E 49 16.22 -12.06 6.46
N ALA E 50 17.45 -11.67 6.09
CA ALA E 50 17.74 -10.70 5.01
C ALA E 50 19.09 -11.03 4.36
N ILE E 51 19.23 -10.63 3.11
CA ILE E 51 20.46 -10.87 2.31
C ILE E 51 20.79 -9.59 1.55
N SER E 52 22.00 -9.08 1.74
CA SER E 52 22.57 -7.91 1.05
C SER E 52 22.78 -8.25 -0.43
N TRP E 53 23.23 -7.26 -1.20
CA TRP E 53 23.30 -7.28 -2.67
C TRP E 53 24.16 -8.44 -3.14
N SER E 54 25.36 -8.56 -2.57
CA SER E 54 26.42 -9.54 -2.92
C SER E 54 26.10 -10.94 -2.37
N SER E 55 25.10 -11.04 -1.50
CA SER E 55 24.87 -12.16 -0.55
C SER E 55 25.75 -12.02 0.69
N THR E 56 26.72 -11.08 0.74
CA THR E 56 27.98 -11.24 1.52
C THR E 56 27.78 -10.98 3.00
N PRO E 57 26.89 -10.06 3.43
CA PRO E 57 26.23 -10.15 4.74
C PRO E 57 24.79 -10.71 4.67
N THR E 58 24.52 -11.81 5.40
CA THR E 58 23.15 -12.34 5.70
C THR E 58 22.78 -12.06 7.15
N TYR E 59 21.49 -11.90 7.40
CA TYR E 59 20.93 -11.67 8.74
C TYR E 59 19.84 -12.71 9.01
N TYR E 60 19.71 -13.12 10.27
CA TYR E 60 18.65 -14.03 10.75
C TYR E 60 18.14 -13.59 12.13
N GLY E 61 16.83 -13.73 12.36
CA GLY E 61 16.22 -13.57 13.68
C GLY E 61 16.75 -14.62 14.64
N GLU E 62 16.64 -14.37 15.93
CA GLU E 62 17.12 -15.33 16.95
C GLU E 62 16.47 -16.70 16.72
N SER E 63 15.12 -16.79 16.62
CA SER E 63 14.33 -18.04 16.58
C SER E 63 14.74 -18.94 15.41
N VAL E 64 15.32 -18.40 14.35
CA VAL E 64 15.52 -19.20 13.10
C VAL E 64 17.01 -19.45 12.84
N LYS E 65 17.91 -18.73 13.50
CA LYS E 65 19.38 -18.96 13.41
C LYS E 65 19.67 -20.46 13.49
N GLY E 66 20.45 -20.98 12.55
CA GLY E 66 20.89 -22.39 12.51
C GLY E 66 20.04 -23.20 11.55
N ARG E 67 18.72 -22.97 11.56
CA ARG E 67 17.70 -23.82 10.90
C ARG E 67 17.37 -23.24 9.52
N PHE E 68 17.28 -21.92 9.43
CA PHE E 68 16.89 -21.23 8.16
C PHE E 68 18.12 -20.69 7.43
N THR E 69 18.10 -20.80 6.12
CA THR E 69 19.16 -20.27 5.22
C THR E 69 18.51 -19.41 4.15
N ILE E 70 18.90 -18.14 4.07
CA ILE E 70 18.49 -17.20 2.99
C ILE E 70 19.57 -17.22 1.90
N SER E 71 19.17 -17.16 0.64
CA SER E 71 20.09 -17.13 -0.54
C SER E 71 19.37 -16.41 -1.69
N ARG E 72 20.13 -15.94 -2.68
CA ARG E 72 19.55 -15.26 -3.86
C ARG E 72 20.18 -15.81 -5.16
N ASP E 73 19.39 -15.87 -6.21
CA ASP E 73 19.85 -16.14 -7.60
C ASP E 73 19.40 -14.95 -8.46
N ASN E 74 20.34 -14.07 -8.82
CA ASN E 74 20.03 -12.83 -9.56
C ASN E 74 19.52 -13.17 -10.96
N ALA E 75 20.10 -14.17 -11.61
CA ALA E 75 19.65 -14.69 -12.92
C ALA E 75 18.13 -14.88 -12.94
N LYS E 76 17.53 -15.42 -11.86
CA LYS E 76 16.09 -15.77 -11.81
C LYS E 76 15.28 -14.69 -11.06
N ASN E 77 15.89 -13.57 -10.66
CA ASN E 77 15.20 -12.51 -9.89
C ASN E 77 14.51 -13.10 -8.67
N THR E 78 15.14 -14.10 -8.03
CA THR E 78 14.53 -14.93 -6.95
C THR E 78 15.36 -14.88 -5.67
N VAL E 79 14.70 -14.70 -4.53
CA VAL E 79 15.31 -14.95 -3.20
C VAL E 79 14.67 -16.21 -2.62
N TYR E 80 15.46 -17.03 -1.95
CA TYR E 80 15.04 -18.32 -1.37
C TYR E 80 15.11 -18.25 0.16
N LEU E 81 14.28 -19.06 0.84
CA LEU E 81 14.38 -19.32 2.30
C LEU E 81 14.23 -20.82 2.57
N GLN E 82 15.35 -21.51 2.79
CA GLN E 82 15.39 -22.94 3.16
C GLN E 82 15.08 -23.03 4.64
N MET E 83 13.97 -23.67 5.00
CA MET E 83 13.55 -23.88 6.41
C MET E 83 13.75 -25.36 6.76
N ASN E 84 14.66 -25.64 7.67
CA ASN E 84 15.00 -27.00 8.16
C ASN E 84 14.50 -27.15 9.60
N ARG E 85 14.34 -28.40 10.06
CA ARG E 85 14.06 -28.75 11.47
C ARG E 85 12.94 -27.83 11.95
N LEU E 86 11.78 -27.90 11.29
CA LEU E 86 10.64 -26.97 11.46
C LEU E 86 9.87 -27.30 12.75
N LYS E 87 9.51 -26.27 13.52
CA LYS E 87 8.73 -26.37 14.78
C LYS E 87 7.36 -25.74 14.56
N PRO E 88 6.33 -26.10 15.36
CA PRO E 88 5.01 -25.47 15.24
C PRO E 88 5.05 -23.94 15.33
N GLU E 89 5.96 -23.38 16.13
CA GLU E 89 6.16 -21.91 16.23
C GLU E 89 6.56 -21.30 14.89
N ASP E 90 6.89 -22.12 13.88
CA ASP E 90 7.25 -21.64 12.52
C ASP E 90 5.98 -21.42 11.67
N THR E 91 4.85 -22.00 12.07
CA THR E 91 3.53 -21.76 11.42
C THR E 91 3.21 -20.26 11.40
N ALA E 92 3.04 -19.73 10.20
CA ALA E 92 2.84 -18.29 9.97
C ALA E 92 2.71 -18.02 8.46
N VAL E 93 2.34 -16.79 8.15
CA VAL E 93 2.44 -16.24 6.78
C VAL E 93 3.84 -15.63 6.64
N TYR E 94 4.55 -16.03 5.59
CA TYR E 94 5.90 -15.55 5.25
C TYR E 94 5.74 -14.49 4.16
N PHE E 95 6.16 -13.28 4.46
CA PHE E 95 6.19 -12.13 3.54
C PHE E 95 7.61 -11.90 3.06
N CYS E 96 7.77 -11.82 1.77
CA CYS E 96 8.99 -11.36 1.09
C CYS E 96 9.00 -9.83 1.08
N ALA E 97 10.16 -9.22 1.32
CA ALA E 97 10.30 -7.74 1.27
C ALA E 97 11.59 -7.33 0.57
N ALA E 98 11.61 -6.12 0.01
CA ALA E 98 12.75 -5.64 -0.79
C ALA E 98 12.96 -4.13 -0.59
N ASP E 99 14.22 -3.68 -0.65
CA ASP E 99 14.57 -2.24 -0.63
C ASP E 99 15.93 -2.02 -1.31
N ARG E 100 16.11 -0.86 -1.92
CA ARG E 100 17.41 -0.48 -2.53
C ARG E 100 18.49 -0.45 -1.43
N GLY E 101 18.12 -0.08 -0.21
CA GLY E 101 19.03 0.21 0.90
C GLY E 101 19.12 -0.94 1.88
N GLU E 102 20.30 -1.09 2.51
CA GLU E 102 20.56 -2.04 3.61
C GLU E 102 20.51 -1.22 4.90
N SER E 103 19.59 -1.53 5.80
CA SER E 103 19.33 -0.72 7.01
C SER E 103 20.21 -1.20 8.16
N TYR E 104 20.73 -0.28 8.95
CA TYR E 104 21.29 -0.61 10.28
C TYR E 104 20.19 -1.28 11.09
N TYR E 105 18.95 -0.80 10.97
CA TYR E 105 17.74 -1.33 11.63
C TYR E 105 17.08 -2.35 10.71
N TYR E 106 17.83 -3.38 10.30
CA TYR E 106 17.39 -4.35 9.25
C TYR E 106 16.12 -5.12 9.64
N THR E 107 15.73 -5.19 10.91
CA THR E 107 14.51 -5.91 11.36
C THR E 107 13.28 -5.01 11.29
N ARG E 108 13.41 -3.73 10.94
CA ARG E 108 12.26 -2.82 10.89
C ARG E 108 11.49 -3.03 9.59
N PRO E 109 10.19 -3.37 9.64
CA PRO E 109 9.41 -3.47 8.41
C PRO E 109 9.34 -2.11 7.71
N THR E 110 9.35 -1.01 8.45
CA THR E 110 9.32 0.32 7.79
C THR E 110 10.56 0.54 6.91
N GLU E 111 11.61 -0.27 6.99
CA GLU E 111 12.87 0.02 6.26
C GLU E 111 12.85 -0.72 4.91
N TYR E 112 11.71 -1.23 4.48
CA TYR E 112 11.57 -1.95 3.19
C TYR E 112 10.39 -1.40 2.37
N GLU E 113 10.63 -0.88 1.18
CA GLU E 113 9.59 -0.26 0.33
C GLU E 113 8.61 -1.32 -0.19
N PHE E 114 9.07 -2.51 -0.51
CA PHE E 114 8.30 -3.46 -1.35
C PHE E 114 8.03 -4.72 -0.55
N TRP E 115 6.81 -5.23 -0.72
CA TRP E 115 6.21 -6.29 0.12
C TRP E 115 5.34 -7.22 -0.74
N GLY E 116 5.54 -8.53 -0.62
CA GLY E 116 4.57 -9.51 -1.14
C GLY E 116 3.35 -9.61 -0.25
N GLN E 117 2.29 -10.27 -0.75
CA GLN E 117 1.03 -10.57 -0.01
C GLN E 117 1.26 -11.73 0.98
N GLY E 118 2.27 -12.58 0.76
CA GLY E 118 2.66 -13.64 1.71
C GLY E 118 2.24 -15.04 1.24
N THR E 119 3.03 -16.04 1.62
CA THR E 119 2.69 -17.48 1.50
C THR E 119 2.48 -18.05 2.90
N GLN E 120 1.43 -18.86 3.08
CA GLN E 120 1.09 -19.58 4.34
C GLN E 120 1.92 -20.87 4.45
N VAL E 121 2.59 -21.02 5.57
CA VAL E 121 3.27 -22.28 6.00
C VAL E 121 2.51 -22.78 7.24
N THR E 122 2.24 -24.07 7.29
CA THR E 122 1.58 -24.67 8.45
C THR E 122 2.40 -25.91 8.82
N VAL E 123 2.86 -26.01 10.06
CA VAL E 123 3.64 -27.16 10.61
C VAL E 123 2.78 -27.94 11.61
N SER E 124 2.49 -29.21 11.37
CA SER E 124 1.64 -30.04 12.28
C SER E 124 2.49 -31.02 13.09
N SER E 125 1.84 -31.79 13.98
CA SER E 125 2.44 -32.87 14.83
C SER E 125 1.53 -34.13 14.86
N GLN F 1 7.84 38.26 16.82
CA GLN F 1 7.05 39.44 17.26
C GLN F 1 7.31 40.63 16.32
N VAL F 2 6.24 41.26 15.80
CA VAL F 2 6.30 42.61 15.17
C VAL F 2 5.09 43.44 15.60
N GLN F 3 5.24 44.76 15.54
CA GLN F 3 4.19 45.78 15.77
C GLN F 3 4.02 46.60 14.48
N LEU F 4 2.77 46.93 14.13
CA LEU F 4 2.39 47.63 12.88
C LEU F 4 1.64 48.92 13.22
N VAL F 5 2.04 50.07 12.67
CA VAL F 5 1.40 51.39 12.95
C VAL F 5 1.01 52.05 11.62
N GLU F 6 -0.30 52.07 11.32
CA GLU F 6 -0.90 52.78 10.15
C GLU F 6 -0.88 54.30 10.41
N SER F 7 -0.86 55.10 9.34
CA SER F 7 -0.94 56.59 9.34
C SER F 7 -1.29 57.10 7.93
N GLY F 8 -1.86 58.31 7.84
CA GLY F 8 -2.17 59.00 6.58
C GLY F 8 -3.62 58.86 6.16
N GLY F 9 -4.48 58.29 7.01
CA GLY F 9 -5.94 58.24 6.79
C GLY F 9 -6.60 59.57 7.11
N GLY F 10 -7.88 59.73 6.76
CA GLY F 10 -8.67 60.94 7.01
C GLY F 10 -9.72 61.19 5.93
N LEU F 11 -10.13 62.45 5.76
CA LEU F 11 -11.22 62.89 4.86
C LEU F 11 -10.62 63.23 3.48
N MET F 12 -11.29 62.85 2.39
CA MET F 12 -10.99 63.33 1.01
C MET F 12 -12.23 63.16 0.11
N GLN F 13 -12.37 64.05 -0.88
CA GLN F 13 -13.49 64.06 -1.85
C GLN F 13 -13.32 62.90 -2.83
N ALA F 14 -14.43 62.27 -3.23
CA ALA F 14 -14.49 61.18 -4.24
C ALA F 14 -13.86 61.67 -5.55
N GLY F 15 -12.92 60.90 -6.12
CA GLY F 15 -12.12 61.24 -7.31
C GLY F 15 -10.74 61.77 -6.96
N GLY F 16 -10.48 62.01 -5.67
CA GLY F 16 -9.19 62.48 -5.13
C GLY F 16 -8.35 61.33 -4.56
N SER F 17 -7.24 61.66 -3.90
CA SER F 17 -6.15 60.71 -3.54
C SER F 17 -5.79 60.78 -2.05
N LEU F 18 -5.23 59.68 -1.53
CA LEU F 18 -4.71 59.53 -0.14
C LEU F 18 -3.60 58.45 -0.14
N ARG F 19 -2.62 58.59 0.77
CA ARG F 19 -1.42 57.73 0.87
C ARG F 19 -1.31 57.16 2.30
N LEU F 20 -1.63 55.88 2.48
CA LEU F 20 -1.47 55.18 3.79
C LEU F 20 -0.03 54.64 3.88
N SER F 21 0.60 54.85 5.05
CA SER F 21 1.89 54.23 5.46
C SER F 21 1.61 53.23 6.57
N CYS F 22 2.48 52.23 6.69
CA CYS F 22 2.50 51.28 7.83
C CYS F 22 3.96 50.93 8.13
N ALA F 23 4.41 51.23 9.35
CA ALA F 23 5.80 51.04 9.82
C ALA F 23 5.89 49.72 10.58
N VAL F 24 6.79 48.85 10.18
CA VAL F 24 7.02 47.52 10.83
C VAL F 24 8.17 47.68 11.81
N SER F 25 7.99 47.16 13.03
CA SER F 25 8.99 47.18 14.13
C SER F 25 8.94 45.84 14.89
N GLY F 26 10.06 45.44 15.50
CA GLY F 26 10.28 44.07 16.04
C GLY F 26 11.15 43.27 15.09
N ARG F 27 10.93 41.94 15.03
CA ARG F 27 11.72 40.99 14.19
C ARG F 27 11.32 41.14 12.72
N THR F 28 11.87 42.16 12.05
CA THR F 28 11.51 42.58 10.69
C THR F 28 12.23 41.74 9.61
N PHE F 29 13.28 41.00 9.97
CA PHE F 29 13.95 40.05 9.04
C PHE F 29 12.97 38.92 8.68
N SER F 30 11.86 38.78 9.43
CA SER F 30 10.87 37.68 9.32
C SER F 30 9.72 38.04 8.38
N THR F 31 9.66 39.25 7.83
CA THR F 31 8.52 39.67 6.97
C THR F 31 8.69 38.96 5.63
N ALA F 32 7.71 38.16 5.22
CA ALA F 32 7.63 37.46 3.92
C ALA F 32 6.78 38.30 2.95
N ALA F 33 5.58 38.70 3.38
CA ALA F 33 4.63 39.54 2.62
C ALA F 33 3.89 40.48 3.56
N MET F 34 3.33 41.56 3.01
CA MET F 34 2.48 42.55 3.71
C MET F 34 1.14 42.63 2.97
N GLY F 35 0.08 43.01 3.68
CA GLY F 35 -1.27 43.22 3.09
C GLY F 35 -1.94 44.46 3.64
N TRP F 36 -2.88 45.01 2.88
CA TRP F 36 -3.89 45.98 3.36
C TRP F 36 -5.27 45.31 3.29
N PHE F 37 -6.05 45.47 4.35
CA PHE F 37 -7.47 45.08 4.45
C PHE F 37 -8.28 46.32 4.85
N ARG F 38 -9.57 46.32 4.54
CA ARG F 38 -10.50 47.39 4.96
C ARG F 38 -11.79 46.77 5.50
N GLN F 39 -12.52 47.54 6.31
CA GLN F 39 -13.80 47.11 6.91
C GLN F 39 -14.67 48.33 7.17
N ALA F 40 -15.69 48.57 6.34
CA ALA F 40 -16.71 49.62 6.55
C ALA F 40 -17.51 49.24 7.80
N PRO F 41 -18.16 50.20 8.49
CA PRO F 41 -18.98 49.87 9.66
C PRO F 41 -20.07 48.84 9.33
N GLY F 42 -20.10 47.72 10.07
CA GLY F 42 -21.18 46.71 10.04
C GLY F 42 -21.10 45.77 8.84
N LYS F 43 -20.03 45.85 8.02
CA LYS F 43 -19.72 44.90 6.92
C LYS F 43 -18.43 44.14 7.28
N GLU F 44 -18.25 42.92 6.75
CA GLU F 44 -17.12 42.02 7.11
C GLU F 44 -15.82 42.56 6.51
N ARG F 45 -14.69 42.26 7.16
CA ARG F 45 -13.32 42.65 6.73
C ARG F 45 -13.15 42.17 5.28
N GLU F 46 -12.35 42.87 4.47
CA GLU F 46 -12.17 42.56 3.02
C GLU F 46 -10.73 42.82 2.59
N PHE F 47 -10.14 41.87 1.86
CA PHE F 47 -8.76 41.97 1.29
C PHE F 47 -8.75 43.11 0.26
N VAL F 48 -7.70 43.94 0.29
CA VAL F 48 -7.50 45.11 -0.61
C VAL F 48 -6.31 44.82 -1.54
N ALA F 49 -5.12 44.62 -0.98
CA ALA F 49 -3.87 44.46 -1.73
C ALA F 49 -2.77 43.79 -0.88
N ALA F 50 -1.89 43.01 -1.53
CA ALA F 50 -0.74 42.32 -0.90
C ALA F 50 0.53 42.61 -1.70
N ILE F 51 1.69 42.61 -1.04
CA ILE F 51 3.03 42.74 -1.71
C ILE F 51 4.00 41.74 -1.10
N ARG F 52 4.74 41.00 -1.94
CA ARG F 52 5.87 40.14 -1.52
C ARG F 52 7.05 41.05 -1.21
N TRP F 53 7.60 40.93 -0.01
CA TRP F 53 8.75 41.72 0.53
C TRP F 53 9.99 41.57 -0.37
N SER F 54 10.39 40.34 -0.68
CA SER F 54 11.40 40.04 -1.74
C SER F 54 10.69 40.09 -3.09
N GLY F 55 11.18 40.89 -4.04
CA GLY F 55 10.64 40.97 -5.41
C GLY F 55 9.77 42.19 -5.56
N GLY F 56 8.83 42.40 -4.64
CA GLY F 56 7.98 43.59 -4.59
C GLY F 56 6.71 43.44 -5.43
N SER F 57 6.44 42.24 -5.97
CA SER F 57 5.25 41.95 -6.79
C SER F 57 3.96 42.17 -5.96
N ALA F 58 2.93 42.74 -6.59
CA ALA F 58 1.65 43.14 -5.97
C ALA F 58 0.47 42.33 -6.52
N TYR F 59 -0.46 41.95 -5.63
CA TYR F 59 -1.80 41.40 -5.94
C TYR F 59 -2.86 42.35 -5.36
N TYR F 60 -3.89 42.66 -6.15
CA TYR F 60 -5.01 43.58 -5.79
C TYR F 60 -6.34 42.85 -5.96
N ALA F 61 -7.32 43.13 -5.09
CA ALA F 61 -8.73 42.72 -5.25
C ALA F 61 -9.32 43.52 -6.42
N ASP F 62 -10.39 43.02 -7.04
CA ASP F 62 -10.91 43.55 -8.32
C ASP F 62 -11.49 44.94 -8.11
N SER F 63 -12.01 45.25 -6.91
CA SER F 63 -12.74 46.53 -6.62
C SER F 63 -11.79 47.74 -6.62
N VAL F 64 -10.49 47.54 -6.37
CA VAL F 64 -9.49 48.65 -6.25
C VAL F 64 -8.50 48.62 -7.43
N LYS F 65 -8.47 47.54 -8.21
CA LYS F 65 -7.44 47.30 -9.26
C LYS F 65 -7.42 48.50 -10.21
N GLY F 66 -6.24 49.05 -10.49
CA GLY F 66 -6.04 50.21 -11.39
C GLY F 66 -6.30 51.56 -10.72
N ARG F 67 -6.76 51.56 -9.47
CA ARG F 67 -6.98 52.81 -8.68
C ARG F 67 -5.96 52.91 -7.56
N PHE F 68 -5.50 51.77 -7.03
CA PHE F 68 -4.64 51.65 -5.83
C PHE F 68 -3.27 51.05 -6.24
N THR F 69 -2.18 51.55 -5.65
CA THR F 69 -0.80 51.02 -5.80
C THR F 69 -0.24 50.63 -4.42
N ILE F 70 0.00 49.34 -4.19
CA ILE F 70 0.79 48.88 -3.01
C ILE F 70 2.27 48.92 -3.41
N SER F 71 3.14 49.29 -2.47
CA SER F 71 4.61 49.39 -2.64
C SER F 71 5.24 49.38 -1.24
N ARG F 72 6.53 49.06 -1.13
CA ARG F 72 7.22 48.97 0.18
C ARG F 72 8.65 49.47 0.02
N ASP F 73 9.26 49.88 1.14
CA ASP F 73 10.68 50.32 1.24
C ASP F 73 11.38 49.37 2.23
N LYS F 74 12.14 48.39 1.73
CA LYS F 74 12.86 47.38 2.57
C LYS F 74 13.76 48.09 3.57
N ALA F 75 14.54 49.08 3.09
CA ALA F 75 15.44 49.93 3.90
C ALA F 75 14.66 50.57 5.06
N LYS F 76 13.55 51.26 4.78
CA LYS F 76 12.80 52.06 5.80
C LYS F 76 11.73 51.20 6.51
N ASN F 77 11.58 49.93 6.12
CA ASN F 77 10.71 48.90 6.77
C ASN F 77 9.24 49.35 6.82
N THR F 78 8.68 49.75 5.67
CA THR F 78 7.38 50.47 5.56
C THR F 78 6.69 50.08 4.25
N VAL F 79 5.38 49.79 4.32
CA VAL F 79 4.50 49.47 3.16
C VAL F 79 3.53 50.66 2.96
N TYR F 80 3.32 51.03 1.70
CA TYR F 80 2.53 52.22 1.27
C TYR F 80 1.29 51.72 0.55
N LEU F 81 0.17 52.44 0.66
CA LEU F 81 -1.04 52.23 -0.17
C LEU F 81 -1.47 53.56 -0.79
N GLN F 82 -1.20 53.73 -2.08
CA GLN F 82 -1.54 54.93 -2.87
C GLN F 82 -2.98 54.78 -3.38
N MET F 83 -3.93 55.42 -2.70
CA MET F 83 -5.37 55.37 -3.05
C MET F 83 -5.71 56.57 -3.95
N ASN F 84 -5.95 56.32 -5.24
CA ASN F 84 -6.37 57.35 -6.23
C ASN F 84 -7.81 57.06 -6.65
N SER F 85 -8.50 58.06 -7.20
CA SER F 85 -9.90 57.96 -7.69
C SER F 85 -10.77 57.35 -6.59
N LEU F 86 -10.69 57.90 -5.38
CA LEU F 86 -11.49 57.47 -4.20
C LEU F 86 -12.98 57.44 -4.56
N LYS F 87 -13.73 56.45 -4.06
CA LYS F 87 -15.20 56.29 -4.25
C LYS F 87 -15.86 56.06 -2.89
N TYR F 88 -17.20 56.06 -2.83
CA TYR F 88 -18.00 55.80 -1.60
C TYR F 88 -17.59 54.46 -1.00
N GLU F 89 -17.49 53.40 -1.83
CA GLU F 89 -17.15 52.00 -1.43
C GLU F 89 -15.84 51.97 -0.63
N ASP F 90 -14.95 52.93 -0.86
CA ASP F 90 -13.59 52.99 -0.26
C ASP F 90 -13.68 53.34 1.23
N THR F 91 -14.66 54.17 1.63
CA THR F 91 -14.90 54.55 3.04
C THR F 91 -14.92 53.29 3.92
N ALA F 92 -14.09 53.28 4.97
CA ALA F 92 -13.82 52.10 5.83
C ALA F 92 -12.60 52.38 6.71
N VAL F 93 -12.40 51.51 7.71
CA VAL F 93 -11.14 51.42 8.51
C VAL F 93 -10.19 50.50 7.72
N TYR F 94 -8.97 50.99 7.46
CA TYR F 94 -7.89 50.24 6.77
C TYR F 94 -6.92 49.67 7.81
N TYR F 95 -6.62 48.39 7.67
CA TYR F 95 -5.61 47.64 8.47
C TYR F 95 -4.47 47.19 7.57
N CYS F 96 -3.20 47.39 7.95
CA CYS F 96 -2.04 46.68 7.36
C CYS F 96 -1.78 45.40 8.17
N ALA F 97 -1.12 44.42 7.56
CA ALA F 97 -0.92 43.09 8.14
C ALA F 97 0.39 42.48 7.63
N GLN F 98 1.04 41.65 8.44
CA GLN F 98 2.33 40.99 8.11
C GLN F 98 2.16 39.48 8.31
N THR F 99 2.81 38.68 7.45
CA THR F 99 2.95 37.21 7.60
C THR F 99 4.42 36.88 7.40
N ARG F 100 4.90 35.86 8.12
CA ARG F 100 6.29 35.33 8.00
C ARG F 100 6.30 34.21 6.96
N VAL F 101 5.17 33.98 6.29
CA VAL F 101 4.86 32.75 5.50
C VAL F 101 5.12 33.03 4.01
N THR F 102 5.94 32.19 3.38
CA THR F 102 6.26 32.24 1.93
C THR F 102 5.25 31.36 1.20
N ARG F 103 4.42 31.98 0.36
CA ARG F 103 3.43 31.30 -0.50
C ARG F 103 3.87 31.55 -1.93
N SER F 104 3.91 30.48 -2.74
CA SER F 104 4.41 30.50 -4.14
C SER F 104 3.47 31.36 -4.98
N LEU F 105 2.17 31.13 -4.81
CA LEU F 105 1.09 31.81 -5.55
C LEU F 105 0.72 33.11 -4.80
N LEU F 106 1.12 34.27 -5.33
CA LEU F 106 0.90 35.60 -4.69
C LEU F 106 -0.58 35.81 -4.36
N SER F 107 -1.49 35.27 -5.18
CA SER F 107 -2.97 35.32 -4.95
C SER F 107 -3.35 34.72 -3.59
N ASP F 108 -2.64 33.69 -3.11
CA ASP F 108 -2.84 33.08 -1.77
C ASP F 108 -2.98 34.17 -0.70
N TYR F 109 -2.28 35.29 -0.85
CA TYR F 109 -2.20 36.34 0.20
C TYR F 109 -3.53 37.11 0.35
N ALA F 110 -4.47 36.90 -0.57
CA ALA F 110 -5.85 37.41 -0.51
C ALA F 110 -6.64 36.68 0.59
N THR F 111 -6.42 35.38 0.75
CA THR F 111 -7.27 34.45 1.55
C THR F 111 -6.51 33.92 2.77
N TRP F 112 -5.19 34.07 2.82
CA TRP F 112 -4.30 33.44 3.83
C TRP F 112 -4.26 34.27 5.12
N PRO F 113 -4.54 33.66 6.29
CA PRO F 113 -4.44 34.38 7.57
C PRO F 113 -3.06 34.99 7.86
N TYR F 114 -3.02 36.30 8.06
CA TYR F 114 -1.80 37.08 8.38
C TYR F 114 -1.48 36.91 9.87
N ASP F 115 -0.24 37.22 10.27
CA ASP F 115 0.33 36.92 11.61
C ASP F 115 0.12 38.11 12.57
N TYR F 116 0.21 39.35 12.08
CA TYR F 116 0.07 40.59 12.92
C TYR F 116 -0.69 41.66 12.16
N TRP F 117 -1.40 42.52 12.91
CA TRP F 117 -2.36 43.54 12.44
C TRP F 117 -2.05 44.88 13.10
N GLY F 118 -2.29 45.98 12.39
CA GLY F 118 -2.31 47.32 13.01
C GLY F 118 -3.61 47.57 13.74
N GLN F 119 -3.68 48.66 14.50
CA GLN F 119 -4.92 49.09 15.20
C GLN F 119 -5.90 49.64 14.15
N GLY F 120 -5.39 50.20 13.04
CA GLY F 120 -6.17 50.69 11.89
C GLY F 120 -6.19 52.21 11.79
N THR F 121 -6.44 52.75 10.60
CA THR F 121 -6.61 54.21 10.31
C THR F 121 -7.91 54.37 9.51
N GLN F 122 -8.72 55.38 9.85
CA GLN F 122 -10.05 55.63 9.23
C GLN F 122 -9.84 56.40 7.92
N VAL F 123 -10.50 55.95 6.85
CA VAL F 123 -10.65 56.69 5.56
C VAL F 123 -12.13 57.00 5.37
N THR F 124 -12.44 58.21 4.87
CA THR F 124 -13.82 58.74 4.67
C THR F 124 -13.86 59.59 3.39
N VAL F 125 -14.76 59.24 2.47
CA VAL F 125 -14.83 59.79 1.08
C VAL F 125 -16.08 60.66 0.95
N SER F 126 -15.91 61.99 0.90
CA SER F 126 -16.99 63.02 0.89
C SER F 126 -17.92 62.88 -0.32
N SER F 127 -19.18 63.34 -0.17
CA SER F 127 -20.26 63.30 -1.19
C SER F 127 -20.21 64.51 -2.14
N LYS F 128 -19.48 64.40 -3.27
CA LYS F 128 -19.27 65.46 -4.30
C LYS F 128 -19.15 66.83 -3.64
C1 NAG G . -29.30 -15.94 8.08
C2 NAG G . -30.20 -14.77 7.65
C3 NAG G . -30.14 -13.65 8.69
C4 NAG G . -30.30 -14.17 10.11
C5 NAG G . -29.32 -15.28 10.37
C6 NAG G . -29.42 -15.85 11.78
C7 NAG G . -30.55 -14.15 5.33
C8 NAG G . -30.02 -13.45 4.13
N2 NAG G . -29.73 -14.26 6.38
O3 NAG G . -31.12 -12.63 8.44
O4 NAG G . -29.98 -13.10 10.99
O5 NAG G . -29.59 -16.31 9.43
O6 NAG G . -28.43 -16.88 11.99
O7 NAG G . -31.69 -14.55 5.34
C1 NAG H . 24.39 14.02 19.61
C2 NAG H . 25.43 12.93 19.86
C3 NAG H . 25.02 12.00 20.98
C4 NAG H . 24.73 12.85 22.21
C5 NAG H . 23.48 13.67 21.93
C6 NAG H . 23.16 14.62 23.08
C7 NAG H . 26.50 12.33 17.73
C8 NAG H . 26.49 11.35 16.60
N2 NAG H . 25.58 12.12 18.67
O3 NAG H . 26.05 11.04 21.19
O4 NAG H . 24.52 12.02 23.35
O5 NAG H . 23.63 14.45 20.75
O6 NAG H . 24.22 15.57 23.23
O7 NAG H . 27.28 13.24 17.80
#